data_8Y6W
#
_entry.id   8Y6W
#
_cell.length_a   1.00
_cell.length_b   1.00
_cell.length_c   1.00
_cell.angle_alpha   90.00
_cell.angle_beta   90.00
_cell.angle_gamma   90.00
#
_symmetry.space_group_name_H-M   'P 1'
#
loop_
_entity.id
_entity.type
_entity.pdbx_description
1 polymer 'Guanine nucleotide-binding protein G(i) subunit alpha-1'
2 polymer 'Guanine nucleotide-binding protein G(I)/G(S)/G(T) subunit beta-1'
3 polymer 'Guanine nucleotide-binding protein G(I)/G(S)/G(O) subunit gamma-2'
4 polymer scFv16
5 polymer 'Free fatty acid receptor 2'
6 non-polymer '(2R,4R)-2-(2-chlorophenyl)-3-[4-(3,5-dimethyl-1,2-oxazol-4-yl)phenyl]carbonyl-1,3-thiazolidine-4-carboxylic acid'
7 non-polymer (2~{S})-2-(4-chlorophenyl)-3-methyl-~{N}-(1,3-thiazol-2-yl)butanamide
#
loop_
_entity_poly.entity_id
_entity_poly.type
_entity_poly.pdbx_seq_one_letter_code
_entity_poly.pdbx_strand_id
1 'polypeptide(L)'
;MGCTLSAEDKAAVERSKMIDRNLREDGEKAAREVKLLLLGAGESGKSTIVKQMKIIHEAGYSEEECKQYKAVVYSNTIQS
IIAIIRAMGRLKIDFGDSARADDARQLFVLAGAAEEGFMTAELAGVIKRLWKDSGVQACFNRSREYQLNDSAAYYLNDLD
RIAQPNYIPTQQDVLRTRVKTTGIVETHFTFKDLHFKMFDVGGQRSERKKWIHCFEGVTAIIFCVALSDYDLVLAEDEEM
NRMHESMKLFDSICNNKWFTDTSIILFLNKKDLFEEKIKKSPLTICYPEYAGSNTYEEAAAYIQCQFEDLNKRKDTKEIY
THFTCATDTKNVQFVFDAVTDVIIKNNLKDCGLF
;
A
2 'polypeptide(L)'
;HHHHHHLEVLFQGPGSSGSELDQLRQEAEQLKNQIRDARKACADATLSQITNNIDPVGRIQMRTRRTLRGHLAKIYAMHW
GTDSRLLVSASQDGKLIIWDSYTTNKVHAIPLRSSWVMTCAYAPSGNYVACGGLDNICSIYNLKTREGNVRVSRELAGHT
GYLSCCRFLDDNQIVTSSGDTTCALWDIETGQQTTTFTGHTGDVMSLSLAPDTRLFVSGACDASAKLWDVREGMCRQTFT
GHESDINAICFFPNGNAFATGSDDATCRLFDLRADQELMTYSHDNIICGITSVSFSKSGRLLLAGYDDFNCNVWDALKAD
RAGVLAGHDNRVSCLGVTDDGMAVATGSWDSFLKIWN
;
B
3 'polypeptide(L)' MASNNTASIAQARKLVEQLKMEANIDRIKVSKAAADLMAYCEAHAKEDPLLTPVPASENPFREKKFFCAIL C
4 'polypeptide(L)'
;DVQLVESGGGLVQPGGSRKLSCSASGFAFSSFGMHWVRQAPEKGLEWVAYISSGSGTIYYADTVKGRFTISRDDPKNTLF
LQMTSLRSEDTAMYYCVRSIYYYGSSPFDFWGQGTTLTVSSGGGGSGGGGSGGGGSDIVMTQATSSVPVTPGESVSISCR
SSKSLLHSNGNTYLYWFLQRPGQSPQLLIYRMSNLASGVPDRFSGSGSGTAFTLTISRLEAEDVGVYYCMQHLEYPLTFG
AGTKLELKAAAHHHHHHHH
;
D
5 'polypeptide(L)'
;MKTIIALSYIFCLVFADYKDDDDAENLYFQGMLPDWKSSLILMAYIIIFLTGLPANLLALRAFVGRIRQPQPAPVHILLL
SLTLADLLLLLLLPFKIIEAASNFRWYLPKVVCALTSFGFYSSIYCSTWLLAGISIERYLGVAFPVQYKLSRRPLYGVIA
ALVAWVMSFGHCTIVIIVQYLNTTEQVRSGNEITCYENFTDNQLDVVLPVRLELCLVLFFIPMAVTIFCYWRFVWIMLSQ
PLVGAQRRRRAVGLAVVTLLNFLVCFGPYNVSHLVGYHQRKSPWWRSIAVVFSSLNASLDPLLFYFSSSVVRRAFGRGLQ
VLRNQGSSLLGRRGKDTAEGTNEDRGVGQGEGMPSSLEVLFQ
;
R
#
loop_
_chem_comp.id
_chem_comp.type
_chem_comp.name
_chem_comp.formula
9UJ non-polymer '(2R,4R)-2-(2-chlorophenyl)-3-[4-(3,5-dimethyl-1,2-oxazol-4-yl)phenyl]carbonyl-1,3-thiazolidine-4-carboxylic acid' 'C22 H19 Cl N2 O4 S'
A1LYC non-polymer (2~{S})-2-(4-chlorophenyl)-3-methyl-~{N}-(1,3-thiazol-2-yl)butanamide 'C14 H15 Cl N2 O S'
#
# COMPACT_ATOMS: atom_id res chain seq x y z
N THR A 4 5.64 -2.47 26.18
CA THR A 4 6.87 -3.02 26.81
C THR A 4 8.03 -3.00 25.80
N LEU A 5 8.01 -2.04 24.87
CA LEU A 5 9.00 -1.98 23.80
C LEU A 5 10.34 -1.51 24.38
N SER A 6 11.44 -2.02 23.81
CA SER A 6 12.78 -1.61 24.19
C SER A 6 13.10 -0.25 23.55
N ALA A 7 14.18 0.38 24.03
CA ALA A 7 14.60 1.69 23.55
C ALA A 7 14.67 1.71 22.02
N GLU A 8 15.34 0.70 21.44
CA GLU A 8 15.59 0.67 20.02
C GLU A 8 14.31 0.36 19.25
N ASP A 9 13.43 -0.46 19.84
CA ASP A 9 12.17 -0.82 19.21
C ASP A 9 11.31 0.43 19.02
N LYS A 10 11.26 1.29 20.05
CA LYS A 10 10.44 2.49 20.03
C LYS A 10 10.92 3.44 18.91
N ALA A 11 12.24 3.55 18.76
CA ALA A 11 12.84 4.42 17.74
C ALA A 11 12.53 3.88 16.35
N ALA A 12 12.47 2.54 16.21
CA ALA A 12 12.15 1.90 14.95
C ALA A 12 10.68 2.16 14.57
N VAL A 13 9.82 2.27 15.59
CA VAL A 13 8.42 2.60 15.37
C VAL A 13 8.32 4.05 14.91
N GLU A 14 9.07 4.95 15.57
CA GLU A 14 9.07 6.36 15.23
C GLU A 14 9.41 6.54 13.75
N ARG A 15 10.40 5.78 13.27
CA ARG A 15 10.81 5.81 11.87
C ARG A 15 9.64 5.40 10.98
N SER A 16 8.96 4.30 11.35
CA SER A 16 7.84 3.78 10.57
C SER A 16 6.75 4.85 10.41
N LYS A 17 6.52 5.63 11.48
CA LYS A 17 5.49 6.67 11.47
C LYS A 17 5.86 7.76 10.48
N MET A 18 7.15 8.17 10.46
CA MET A 18 7.62 9.21 9.56
C MET A 18 7.49 8.74 8.10
N ILE A 19 7.82 7.47 7.85
CA ILE A 19 7.65 6.88 6.53
C ILE A 19 6.17 6.99 6.15
N ASP A 20 5.28 6.56 7.07
CA ASP A 20 3.84 6.63 6.85
C ASP A 20 3.43 8.05 6.46
N ARG A 21 3.94 9.06 7.17
CA ARG A 21 3.56 10.45 6.94
C ARG A 21 3.90 10.86 5.52
N ASN A 22 5.12 10.52 5.08
CA ASN A 22 5.63 10.95 3.78
C ASN A 22 4.93 10.21 2.65
N LEU A 23 4.48 8.97 2.91
CA LEU A 23 3.71 8.20 1.95
C LEU A 23 2.36 8.89 1.71
N ARG A 24 1.72 9.34 2.80
CA ARG A 24 0.42 9.98 2.72
C ARG A 24 0.52 11.29 1.93
N GLU A 25 1.61 12.03 2.12
CA GLU A 25 1.82 13.31 1.45
C GLU A 25 2.00 13.10 -0.05
N ASP A 26 2.80 12.08 -0.43
CA ASP A 26 3.04 11.76 -1.83
C ASP A 26 1.74 11.31 -2.50
N GLY A 27 0.88 10.65 -1.72
CA GLY A 27 -0.43 10.23 -2.20
C GLY A 27 -1.34 11.41 -2.50
N GLU A 28 -1.42 12.36 -1.56
CA GLU A 28 -2.22 13.56 -1.72
C GLU A 28 -1.79 14.31 -2.99
N LYS A 29 -0.48 14.37 -3.24
CA LYS A 29 0.06 15.06 -4.41
C LYS A 29 -0.34 14.33 -5.69
N ALA A 30 -0.35 12.99 -5.65
CA ALA A 30 -0.68 12.17 -6.80
C ALA A 30 -2.17 12.29 -7.15
N ALA A 31 -3.01 12.49 -6.13
CA ALA A 31 -4.46 12.60 -6.31
C ALA A 31 -4.82 13.91 -7.02
N ARG A 32 -3.95 14.93 -6.90
CA ARG A 32 -4.18 16.23 -7.50
C ARG A 32 -3.54 16.29 -8.89
N GLU A 33 -3.52 15.15 -9.59
CA GLU A 33 -2.95 15.05 -10.92
C GLU A 33 -3.87 14.21 -11.80
N VAL A 34 -4.10 14.68 -13.03
CA VAL A 34 -4.93 13.98 -13.99
C VAL A 34 -4.03 13.00 -14.76
N LYS A 35 -4.48 11.74 -14.86
CA LYS A 35 -3.74 10.72 -15.58
C LYS A 35 -4.51 10.35 -16.85
N LEU A 36 -3.84 10.45 -18.00
CA LEU A 36 -4.44 10.19 -19.29
C LEU A 36 -3.65 9.11 -20.02
N LEU A 37 -4.36 8.27 -20.78
CA LEU A 37 -3.75 7.24 -21.60
C LEU A 37 -3.95 7.61 -23.07
N LEU A 38 -2.85 7.57 -23.85
CA LEU A 38 -2.89 7.97 -25.24
C LEU A 38 -2.71 6.73 -26.12
N LEU A 39 -3.72 6.48 -26.98
CA LEU A 39 -3.72 5.33 -27.88
C LEU A 39 -3.99 5.81 -29.30
N GLY A 40 -3.51 5.04 -30.29
CA GLY A 40 -3.67 5.41 -31.68
C GLY A 40 -3.10 4.35 -32.63
N ALA A 41 -3.65 4.30 -33.84
CA ALA A 41 -3.24 3.33 -34.85
C ALA A 41 -1.91 3.77 -35.47
N GLY A 42 -0.80 3.27 -34.90
CA GLY A 42 0.53 3.68 -35.30
C GLY A 42 0.75 5.16 -34.96
N GLU A 43 1.27 5.92 -35.93
CA GLU A 43 1.36 7.37 -35.81
C GLU A 43 0.20 7.98 -36.59
N SER A 44 -0.93 8.18 -35.88
CA SER A 44 -2.14 8.73 -36.47
C SER A 44 -2.45 10.09 -35.84
N GLY A 45 -1.39 10.89 -35.62
CA GLY A 45 -1.51 12.21 -35.02
C GLY A 45 -1.40 12.17 -33.50
N LYS A 46 -0.71 11.15 -32.96
CA LYS A 46 -0.40 11.11 -31.53
C LYS A 46 0.71 12.11 -31.24
N SER A 47 1.64 12.28 -32.18
CA SER A 47 2.76 13.19 -32.03
C SER A 47 2.28 14.64 -32.00
N THR A 48 1.39 15.00 -32.93
CA THR A 48 1.01 16.40 -33.15
C THR A 48 0.19 16.91 -31.97
N ILE A 49 -0.66 16.06 -31.37
CA ILE A 49 -1.49 16.48 -30.24
C ILE A 49 -0.62 16.58 -28.98
N VAL A 50 0.47 15.78 -28.93
CA VAL A 50 1.45 15.88 -27.86
C VAL A 50 2.14 17.24 -27.94
N LYS A 51 2.40 17.71 -29.18
CA LYS A 51 3.02 19.02 -29.40
C LYS A 51 2.04 20.13 -28.99
N GLN A 52 0.74 19.89 -29.21
CA GLN A 52 -0.30 20.84 -28.80
C GLN A 52 -0.27 21.01 -27.29
N MET A 53 -0.06 19.90 -26.56
CA MET A 53 0.02 19.94 -25.11
C MET A 53 1.33 20.62 -24.69
N THR A 182 12.12 1.42 -26.13
CA THR A 182 11.54 2.22 -25.03
C THR A 182 10.11 1.75 -24.78
N GLY A 183 9.81 1.43 -23.51
CA GLY A 183 8.54 0.83 -23.15
C GLY A 183 7.41 1.87 -23.14
N ILE A 184 7.56 2.88 -22.28
CA ILE A 184 6.51 3.87 -22.04
C ILE A 184 7.13 5.26 -22.04
N VAL A 185 6.37 6.25 -22.54
CA VAL A 185 6.79 7.63 -22.58
C VAL A 185 5.76 8.47 -21.83
N GLU A 186 6.23 9.36 -20.95
CA GLU A 186 5.38 10.14 -20.08
C GLU A 186 5.56 11.62 -20.38
N THR A 187 4.44 12.34 -20.49
CA THR A 187 4.43 13.77 -20.81
C THR A 187 3.76 14.52 -19.66
N HIS A 188 4.24 15.74 -19.38
CA HIS A 188 3.63 16.61 -18.38
C HIS A 188 3.24 17.93 -19.03
N PHE A 189 2.02 18.39 -18.69
CA PHE A 189 1.57 19.73 -19.06
C PHE A 189 0.52 20.19 -18.05
N THR A 190 0.57 21.48 -17.70
CA THR A 190 -0.35 22.08 -16.76
C THR A 190 -1.23 23.09 -17.50
N PHE A 191 -2.53 23.10 -17.16
CA PHE A 191 -3.47 24.02 -17.77
C PHE A 191 -4.56 24.36 -16.75
N LYS A 192 -4.70 25.67 -16.47
CA LYS A 192 -5.67 26.20 -15.53
C LYS A 192 -5.52 25.49 -14.18
N ASP A 193 -4.28 25.45 -13.68
CA ASP A 193 -3.96 24.97 -12.34
C ASP A 193 -4.31 23.49 -12.19
N LEU A 194 -4.20 22.72 -13.28
CA LEU A 194 -4.49 21.30 -13.24
C LEU A 194 -3.39 20.56 -14.01
N HIS A 195 -2.67 19.66 -13.32
CA HIS A 195 -1.54 18.95 -13.89
C HIS A 195 -2.02 17.68 -14.58
N PHE A 196 -1.54 17.46 -15.80
CA PHE A 196 -1.91 16.31 -16.60
C PHE A 196 -0.68 15.42 -16.82
N LYS A 197 -0.85 14.10 -16.64
CA LYS A 197 0.17 13.13 -16.98
C LYS A 197 -0.37 12.26 -18.12
N MET A 198 0.31 12.31 -19.28
CA MET A 198 -0.12 11.59 -20.46
C MET A 198 0.88 10.47 -20.74
N PHE A 199 0.37 9.23 -20.85
CA PHE A 199 1.22 8.06 -21.07
C PHE A 199 0.96 7.51 -22.47
N ASP A 200 2.01 7.48 -23.29
CA ASP A 200 1.97 6.87 -24.60
C ASP A 200 2.62 5.49 -24.51
N VAL A 201 1.89 4.46 -24.97
CA VAL A 201 2.33 3.08 -24.86
C VAL A 201 2.50 2.49 -26.26
N GLY A 202 2.95 3.33 -27.20
CA GLY A 202 3.17 2.92 -28.59
C GLY A 202 4.38 2.00 -28.71
N GLY A 203 5.44 2.30 -27.95
CA GLY A 203 6.68 1.55 -27.99
C GLY A 203 6.54 0.15 -27.38
N GLN A 204 5.56 -0.03 -26.50
CA GLN A 204 5.28 -1.32 -25.88
C GLN A 204 4.62 -2.22 -26.92
N ARG A 205 5.43 -3.07 -27.57
CA ARG A 205 4.95 -3.96 -28.63
C ARG A 205 4.79 -5.36 -28.05
N SER A 206 3.72 -5.54 -27.25
CA SER A 206 3.41 -6.80 -26.60
C SER A 206 1.90 -6.95 -26.48
N GLU A 207 1.44 -8.12 -26.01
CA GLU A 207 0.02 -8.35 -25.79
C GLU A 207 -0.50 -7.34 -24.77
N ARG A 208 -1.45 -6.50 -25.21
CA ARG A 208 -1.97 -5.42 -24.37
C ARG A 208 -2.68 -6.02 -23.16
N LYS A 209 -3.46 -7.08 -23.38
CA LYS A 209 -4.28 -7.70 -22.35
C LYS A 209 -3.47 -8.00 -21.09
N LYS A 210 -2.15 -8.20 -21.25
CA LYS A 210 -1.30 -8.62 -20.14
C LYS A 210 -0.76 -7.44 -19.33
N TRP A 211 -1.02 -6.20 -19.77
CA TRP A 211 -0.61 -5.02 -19.01
C TRP A 211 -1.61 -3.86 -19.10
N ILE A 212 -2.70 -4.00 -19.87
CA ILE A 212 -3.64 -2.91 -20.08
C ILE A 212 -4.36 -2.61 -18.75
N HIS A 213 -4.46 -3.61 -17.88
CA HIS A 213 -5.13 -3.48 -16.59
C HIS A 213 -4.36 -2.54 -15.66
N CYS A 214 -3.11 -2.22 -15.99
CA CYS A 214 -2.33 -1.26 -15.22
C CYS A 214 -2.98 0.12 -15.24
N PHE A 215 -3.61 0.47 -16.38
CA PHE A 215 -4.17 1.81 -16.57
C PHE A 215 -5.65 1.84 -16.18
N GLU A 216 -6.14 0.78 -15.55
CA GLU A 216 -7.45 0.81 -14.92
C GLU A 216 -7.42 1.85 -13.80
N GLY A 217 -8.09 2.99 -14.04
CA GLY A 217 -8.13 4.08 -13.09
C GLY A 217 -7.60 5.39 -13.65
N VAL A 218 -7.25 5.42 -14.95
CA VAL A 218 -6.93 6.67 -15.62
C VAL A 218 -8.21 7.50 -15.69
N THR A 219 -8.05 8.83 -15.67
CA THR A 219 -9.17 9.75 -15.70
C THR A 219 -9.92 9.59 -17.03
N ALA A 220 -9.17 9.65 -18.14
CA ALA A 220 -9.74 9.50 -19.46
C ALA A 220 -8.74 8.83 -20.40
N ILE A 221 -9.23 8.40 -21.57
CA ILE A 221 -8.39 7.82 -22.60
C ILE A 221 -8.51 8.69 -23.85
N ILE A 222 -7.38 9.31 -24.26
CA ILE A 222 -7.34 10.05 -25.50
C ILE A 222 -7.06 9.06 -26.63
N PHE A 223 -7.95 9.03 -27.64
CA PHE A 223 -7.77 8.19 -28.80
C PHE A 223 -7.56 9.09 -30.02
N CYS A 224 -6.60 8.72 -30.88
CA CYS A 224 -6.28 9.49 -32.06
C CYS A 224 -6.56 8.67 -33.32
N VAL A 225 -7.27 9.28 -34.27
CA VAL A 225 -7.54 8.68 -35.57
C VAL A 225 -7.20 9.73 -36.62
N ALA A 226 -6.40 9.33 -37.62
CA ALA A 226 -6.14 10.16 -38.78
C ALA A 226 -7.32 10.04 -39.73
N LEU A 227 -8.02 11.16 -39.95
CA LEU A 227 -9.22 11.18 -40.76
C LEU A 227 -8.83 11.06 -42.24
N SER A 228 -7.56 11.30 -42.54
CA SER A 228 -7.02 11.20 -43.90
C SER A 228 -6.49 9.80 -44.19
N ASP A 229 -6.59 8.88 -43.22
CA ASP A 229 -6.14 7.50 -43.39
C ASP A 229 -7.35 6.59 -43.62
N TYR A 230 -8.35 7.10 -44.34
CA TYR A 230 -9.54 6.34 -44.69
C TYR A 230 -9.26 5.54 -45.96
N ASP A 231 -8.48 6.11 -46.88
CA ASP A 231 -8.12 5.46 -48.13
C ASP A 231 -6.66 5.02 -48.13
N LEU A 232 -5.92 5.33 -47.05
CA LEU A 232 -4.53 4.95 -46.95
C LEU A 232 -4.42 3.44 -46.64
N ASN A 241 -9.10 1.06 -44.86
CA ASN A 241 -8.40 -0.16 -44.34
C ASN A 241 -7.77 0.16 -42.98
N ARG A 242 -6.91 1.19 -42.95
CA ARG A 242 -6.31 1.66 -41.70
C ARG A 242 -7.38 2.23 -40.78
N MET A 243 -8.38 2.89 -41.38
CA MET A 243 -9.51 3.41 -40.63
C MET A 243 -10.21 2.27 -39.90
N HIS A 244 -10.40 1.14 -40.61
CA HIS A 244 -11.05 -0.04 -40.03
C HIS A 244 -10.18 -0.62 -38.91
N GLU A 245 -8.85 -0.58 -39.09
CA GLU A 245 -7.91 -1.05 -38.08
C GLU A 245 -8.02 -0.15 -36.85
N SER A 246 -8.16 1.17 -37.07
CA SER A 246 -8.38 2.13 -36.00
C SER A 246 -9.70 1.80 -35.29
N MET A 247 -10.74 1.49 -36.08
CA MET A 247 -12.05 1.13 -35.56
C MET A 247 -11.95 -0.15 -34.72
N LYS A 248 -11.19 -1.14 -35.22
CA LYS A 248 -10.97 -2.40 -34.53
C LYS A 248 -10.27 -2.16 -33.19
N LEU A 249 -9.31 -1.23 -33.18
CA LEU A 249 -8.61 -0.88 -31.94
C LEU A 249 -9.56 -0.12 -31.02
N PHE A 250 -10.40 0.76 -31.60
CA PHE A 250 -11.28 1.63 -30.83
C PHE A 250 -12.27 0.79 -30.01
N ASP A 251 -12.95 -0.15 -30.66
CA ASP A 251 -14.00 -0.93 -30.01
C ASP A 251 -13.39 -1.89 -28.99
N SER A 252 -12.14 -2.31 -29.21
CA SER A 252 -11.42 -3.16 -28.28
C SER A 252 -11.17 -2.44 -26.95
N ILE A 253 -10.92 -1.12 -27.03
CA ILE A 253 -10.65 -0.31 -25.86
C ILE A 253 -11.97 0.10 -25.21
N CYS A 254 -12.93 0.56 -26.04
CA CYS A 254 -14.22 1.00 -25.56
C CYS A 254 -14.92 -0.11 -24.76
N ASN A 255 -14.93 -1.32 -25.33
CA ASN A 255 -15.66 -2.44 -24.75
C ASN A 255 -14.67 -3.38 -24.05
N ASN A 256 -13.72 -2.79 -23.31
CA ASN A 256 -12.77 -3.55 -22.50
C ASN A 256 -13.28 -3.55 -21.06
N LYS A 257 -13.24 -4.74 -20.43
CA LYS A 257 -13.78 -4.94 -19.10
C LYS A 257 -13.18 -3.95 -18.09
N TRP A 258 -11.95 -3.49 -18.35
CA TRP A 258 -11.26 -2.59 -17.44
C TRP A 258 -11.78 -1.17 -17.58
N PHE A 259 -12.12 -0.77 -18.81
CA PHE A 259 -12.54 0.60 -19.09
C PHE A 259 -14.06 0.63 -19.30
N THR A 260 -14.81 0.25 -18.26
CA THR A 260 -16.26 0.30 -18.30
C THR A 260 -16.71 1.75 -18.13
N ASP A 261 -16.16 2.42 -17.11
CA ASP A 261 -16.57 3.77 -16.73
C ASP A 261 -15.38 4.73 -16.92
N THR A 262 -14.76 4.66 -18.11
CA THR A 262 -13.62 5.51 -18.44
C THR A 262 -13.95 6.26 -19.73
N SER A 263 -14.08 7.59 -19.60
CA SER A 263 -14.45 8.44 -20.73
C SER A 263 -13.36 8.41 -21.78
N ILE A 264 -13.74 8.61 -23.05
CA ILE A 264 -12.80 8.59 -24.17
C ILE A 264 -12.87 9.93 -24.89
N ILE A 265 -11.71 10.57 -25.03
CA ILE A 265 -11.58 11.87 -25.68
C ILE A 265 -11.03 11.63 -27.09
N LEU A 266 -11.94 11.29 -28.01
CA LEU A 266 -11.56 10.99 -29.39
C LEU A 266 -11.16 12.27 -30.11
N PHE A 267 -9.97 12.24 -30.73
CA PHE A 267 -9.53 13.30 -31.64
C PHE A 267 -9.50 12.72 -33.06
N LEU A 268 -10.10 13.44 -34.01
CA LEU A 268 -10.05 13.07 -35.41
C LEU A 268 -9.08 14.01 -36.12
N ASN A 269 -7.80 13.60 -36.16
CA ASN A 269 -6.71 14.42 -36.64
C ASN A 269 -6.76 14.54 -38.16
N LYS A 270 -6.01 15.53 -38.69
CA LYS A 270 -5.73 15.66 -40.11
C LYS A 270 -7.04 15.80 -40.89
N LYS A 271 -7.76 16.89 -40.63
CA LYS A 271 -9.05 17.15 -41.25
C LYS A 271 -8.86 17.98 -42.52
N ASP A 272 -7.79 18.79 -42.57
CA ASP A 272 -7.50 19.63 -43.71
C ASP A 272 -7.14 18.76 -44.92
N LEU A 273 -6.24 17.80 -44.72
CA LEU A 273 -5.82 16.89 -45.77
C LEU A 273 -7.01 16.04 -46.21
N PHE A 274 -7.86 15.63 -45.25
CA PHE A 274 -9.03 14.82 -45.53
C PHE A 274 -10.01 15.58 -46.43
N GLU A 275 -10.17 16.89 -46.17
CA GLU A 275 -11.05 17.73 -46.97
C GLU A 275 -10.53 17.82 -48.42
N GLU A 276 -9.20 17.78 -48.56
CA GLU A 276 -8.57 17.79 -49.88
C GLU A 276 -8.59 16.39 -50.49
N LYS A 277 -8.69 15.36 -49.64
CA LYS A 277 -8.64 13.97 -50.09
C LYS A 277 -10.02 13.52 -50.57
N ILE A 278 -11.08 13.97 -49.89
CA ILE A 278 -12.44 13.52 -50.18
C ILE A 278 -12.87 14.02 -51.57
N LYS A 279 -12.42 15.23 -51.96
CA LYS A 279 -12.78 15.79 -53.25
C LYS A 279 -12.07 15.01 -54.36
N LYS A 280 -10.90 14.44 -54.03
CA LYS A 280 -10.15 13.60 -54.95
C LYS A 280 -10.73 12.19 -54.95
N SER A 281 -10.66 11.51 -53.79
CA SER A 281 -11.05 10.12 -53.67
C SER A 281 -12.25 9.99 -52.74
N PRO A 282 -13.27 9.18 -53.06
CA PRO A 282 -14.50 9.13 -52.26
C PRO A 282 -14.38 8.29 -50.98
N LEU A 283 -15.31 8.50 -50.05
CA LEU A 283 -15.36 7.77 -48.79
C LEU A 283 -15.92 6.37 -49.02
N THR A 284 -16.56 6.15 -50.19
CA THR A 284 -17.18 4.88 -50.52
C THR A 284 -16.16 3.74 -50.50
N ILE A 285 -14.89 4.07 -50.73
CA ILE A 285 -13.81 3.09 -50.70
C ILE A 285 -13.74 2.48 -49.29
N CYS A 286 -13.74 3.34 -48.27
CA CYS A 286 -13.68 2.90 -46.89
C CYS A 286 -15.03 2.33 -46.46
N TYR A 287 -16.10 3.14 -46.60
CA TYR A 287 -17.44 2.73 -46.20
C TYR A 287 -18.34 2.66 -47.44
N PRO A 288 -18.57 1.47 -48.04
CA PRO A 288 -19.45 1.37 -49.22
C PRO A 288 -20.91 1.70 -48.95
N GLU A 289 -21.33 1.60 -47.68
CA GLU A 289 -22.71 1.87 -47.29
C GLU A 289 -22.97 3.38 -47.23
N TYR A 290 -21.91 4.20 -47.24
CA TYR A 290 -22.05 5.64 -47.29
C TYR A 290 -22.75 6.03 -48.58
N ALA A 291 -23.98 6.56 -48.45
CA ALA A 291 -24.81 6.92 -49.59
C ALA A 291 -24.88 8.44 -49.78
N GLY A 292 -24.49 9.21 -48.76
CA GLY A 292 -24.56 10.66 -48.80
C GLY A 292 -23.55 11.25 -49.79
N SER A 293 -23.71 12.55 -50.08
CA SER A 293 -22.84 13.25 -51.01
C SER A 293 -21.43 13.31 -50.44
N ASN A 294 -20.42 13.21 -51.32
CA ASN A 294 -19.02 13.13 -50.91
C ASN A 294 -18.53 14.54 -50.59
N THR A 295 -19.00 15.08 -49.46
CA THR A 295 -18.63 16.40 -48.99
C THR A 295 -18.00 16.26 -47.60
N TYR A 296 -17.17 17.23 -47.23
CA TYR A 296 -16.43 17.18 -45.97
C TYR A 296 -17.42 17.15 -44.79
N GLU A 297 -18.40 18.06 -44.80
CA GLU A 297 -19.30 18.25 -43.67
C GLU A 297 -20.06 16.97 -43.36
N GLU A 298 -20.59 16.32 -44.39
CA GLU A 298 -21.41 15.11 -44.22
C GLU A 298 -20.53 13.94 -43.77
N ALA A 299 -19.39 13.77 -44.43
CA ALA A 299 -18.48 12.66 -44.15
C ALA A 299 -17.88 12.79 -42.75
N ALA A 300 -17.56 14.03 -42.35
CA ALA A 300 -17.08 14.32 -41.01
C ALA A 300 -18.04 13.71 -39.98
N ALA A 301 -19.33 14.04 -40.12
CA ALA A 301 -20.36 13.57 -39.19
C ALA A 301 -20.56 12.06 -39.33
N TYR A 302 -20.35 11.53 -40.55
CA TYR A 302 -20.55 10.12 -40.82
C TYR A 302 -19.50 9.30 -40.07
N ILE A 303 -18.21 9.64 -40.26
CA ILE A 303 -17.13 8.88 -39.65
C ILE A 303 -17.26 8.97 -38.13
N GLN A 304 -17.57 10.18 -37.62
CA GLN A 304 -17.84 10.38 -36.20
C GLN A 304 -18.86 9.34 -35.72
N CYS A 305 -19.98 9.24 -36.44
CA CYS A 305 -21.07 8.36 -36.06
C CYS A 305 -20.58 6.91 -36.02
N GLN A 306 -19.75 6.51 -36.99
CA GLN A 306 -19.26 5.14 -37.08
C GLN A 306 -18.59 4.75 -35.77
N PHE A 307 -17.66 5.60 -35.29
CA PHE A 307 -16.89 5.30 -34.09
C PHE A 307 -17.81 5.30 -32.86
N GLU A 308 -18.72 6.28 -32.77
CA GLU A 308 -19.61 6.39 -31.63
C GLU A 308 -20.58 5.21 -31.58
N ASP A 309 -20.88 4.62 -32.74
CA ASP A 309 -21.76 3.46 -32.83
C ASP A 309 -21.06 2.21 -32.30
N LEU A 310 -19.73 2.15 -32.41
CA LEU A 310 -18.97 1.00 -31.94
C LEU A 310 -19.12 0.85 -30.43
N ASN A 311 -19.27 1.99 -29.73
CA ASN A 311 -19.50 1.99 -28.30
C ASN A 311 -20.83 1.30 -28.00
N LYS A 312 -20.81 0.37 -27.03
CA LYS A 312 -21.96 -0.42 -26.65
C LYS A 312 -22.48 0.06 -25.30
N ARG A 313 -21.55 0.20 -24.33
CA ARG A 313 -21.85 0.74 -23.02
C ARG A 313 -21.99 2.27 -23.15
N LYS A 314 -23.22 2.72 -23.44
CA LYS A 314 -23.48 4.14 -23.71
C LYS A 314 -23.89 4.85 -22.42
N ASP A 315 -24.14 4.09 -21.35
CA ASP A 315 -24.62 4.63 -20.08
C ASP A 315 -23.44 4.83 -19.12
N THR A 316 -22.53 3.85 -19.06
CA THR A 316 -21.47 3.82 -18.06
C THR A 316 -20.47 4.94 -18.33
N LYS A 317 -20.08 5.10 -19.61
CA LYS A 317 -19.07 6.07 -19.99
C LYS A 317 -19.63 6.96 -21.12
N GLU A 318 -18.92 8.06 -21.42
CA GLU A 318 -19.27 8.96 -22.50
C GLU A 318 -18.10 9.05 -23.48
N ILE A 319 -18.37 9.56 -24.69
CA ILE A 319 -17.35 9.82 -25.69
C ILE A 319 -17.46 11.27 -26.12
N TYR A 320 -16.35 12.02 -25.94
CA TYR A 320 -16.26 13.40 -26.40
C TYR A 320 -15.43 13.42 -27.68
N THR A 321 -16.02 13.89 -28.78
CA THR A 321 -15.37 13.91 -30.09
C THR A 321 -14.97 15.34 -30.42
N HIS A 322 -13.85 15.48 -31.15
CA HIS A 322 -13.36 16.78 -31.59
C HIS A 322 -12.61 16.61 -32.91
N PHE A 323 -12.77 17.59 -33.81
CA PHE A 323 -12.08 17.62 -35.08
C PHE A 323 -10.89 18.57 -34.98
N THR A 324 -9.75 18.03 -34.53
CA THR A 324 -8.52 18.80 -34.40
C THR A 324 -7.78 18.79 -35.73
N CYS A 325 -6.78 19.67 -35.84
CA CYS A 325 -5.87 19.70 -36.98
C CYS A 325 -4.50 20.17 -36.51
N ALA A 326 -3.52 20.18 -37.44
CA ALA A 326 -2.17 20.64 -37.15
C ALA A 326 -2.18 22.11 -36.72
N THR A 327 -3.01 22.93 -37.38
CA THR A 327 -3.08 24.36 -37.12
C THR A 327 -4.23 24.64 -36.15
N ASP A 328 -4.03 24.25 -34.88
CA ASP A 328 -4.99 24.49 -33.81
C ASP A 328 -4.24 24.93 -32.56
N THR A 329 -4.97 25.56 -31.62
CA THR A 329 -4.42 25.98 -30.34
C THR A 329 -5.47 25.84 -29.22
N LYS A 330 -6.52 25.05 -29.48
CA LYS A 330 -7.66 24.97 -28.58
C LYS A 330 -7.97 23.51 -28.24
N ASN A 331 -6.99 22.62 -28.46
CA ASN A 331 -7.18 21.20 -28.23
C ASN A 331 -6.98 20.91 -26.74
N VAL A 332 -6.09 21.68 -26.09
CA VAL A 332 -5.85 21.56 -24.67
C VAL A 332 -7.12 21.95 -23.93
N GLN A 333 -7.77 23.04 -24.40
CA GLN A 333 -9.02 23.51 -23.83
C GLN A 333 -10.07 22.40 -23.89
N PHE A 334 -10.14 21.69 -25.02
CA PHE A 334 -11.15 20.66 -25.22
C PHE A 334 -10.93 19.51 -24.23
N VAL A 335 -9.67 19.19 -23.94
CA VAL A 335 -9.34 18.16 -22.97
C VAL A 335 -9.78 18.65 -21.58
N PHE A 336 -9.52 19.94 -21.28
CA PHE A 336 -9.84 20.49 -19.98
C PHE A 336 -11.35 20.40 -19.74
N ASP A 337 -12.15 20.78 -20.73
CA ASP A 337 -13.60 20.71 -20.64
C ASP A 337 -14.04 19.27 -20.35
N ALA A 338 -13.48 18.32 -21.12
CA ALA A 338 -13.88 16.92 -21.00
C ALA A 338 -13.52 16.37 -19.63
N VAL A 339 -12.33 16.70 -19.12
CA VAL A 339 -11.85 16.16 -17.86
C VAL A 339 -12.69 16.75 -16.72
N THR A 340 -13.06 18.04 -16.82
CA THR A 340 -13.91 18.69 -15.85
C THR A 340 -15.16 17.84 -15.61
N ASP A 341 -15.78 17.36 -16.70
CA ASP A 341 -16.99 16.55 -16.62
C ASP A 341 -16.71 15.26 -15.85
N VAL A 342 -15.54 14.65 -16.08
CA VAL A 342 -15.20 13.39 -15.46
C VAL A 342 -15.00 13.60 -13.96
N ILE A 343 -14.43 14.75 -13.58
CA ILE A 343 -14.20 15.06 -12.16
C ILE A 343 -15.55 15.18 -11.46
N ILE A 344 -16.48 15.96 -12.06
CA ILE A 344 -17.80 16.17 -11.49
C ILE A 344 -18.42 14.82 -11.16
N LYS A 345 -18.37 13.88 -12.11
CA LYS A 345 -19.00 12.57 -11.94
C LYS A 345 -18.38 11.85 -10.74
N ASN A 346 -17.05 11.90 -10.61
CA ASN A 346 -16.36 11.25 -9.52
C ASN A 346 -16.68 11.93 -8.19
N ASN A 347 -16.92 13.25 -8.23
CA ASN A 347 -17.31 14.00 -7.04
C ASN A 347 -18.69 13.54 -6.57
N LEU A 348 -19.59 13.26 -7.52
CA LEU A 348 -20.95 12.84 -7.20
C LEU A 348 -20.94 11.41 -6.64
N LYS A 349 -19.95 10.60 -7.04
CA LYS A 349 -19.83 9.24 -6.56
C LYS A 349 -19.43 9.23 -5.08
N ASP A 350 -18.55 10.17 -4.69
CA ASP A 350 -18.02 10.22 -3.34
C ASP A 350 -19.11 10.70 -2.37
N CYS A 351 -19.87 11.71 -2.78
CA CYS A 351 -20.97 12.24 -1.98
C CYS A 351 -22.09 11.21 -1.87
N GLY A 352 -22.34 10.48 -2.96
CA GLY A 352 -23.36 9.44 -3.00
C GLY A 352 -24.63 9.90 -3.71
N LEU A 353 -24.55 11.03 -4.42
CA LEU A 353 -25.66 11.55 -5.20
C LEU A 353 -25.77 10.77 -6.51
N PHE A 354 -24.62 10.41 -7.09
CA PHE A 354 -24.58 9.73 -8.38
N LEU B 21 11.38 -25.21 -46.30
CA LEU B 21 11.25 -26.63 -46.76
C LEU B 21 10.14 -27.31 -45.98
N ASP B 22 9.30 -28.07 -46.68
CA ASP B 22 8.14 -28.73 -46.10
C ASP B 22 8.60 -29.92 -45.25
N GLN B 23 9.66 -30.61 -45.71
CA GLN B 23 10.22 -31.75 -44.99
C GLN B 23 10.54 -31.39 -43.54
N LEU B 24 11.13 -30.22 -43.32
CA LEU B 24 11.53 -29.78 -41.98
C LEU B 24 10.30 -29.71 -41.08
N ARG B 25 9.19 -29.18 -41.61
CA ARG B 25 7.94 -29.04 -40.87
C ARG B 25 7.38 -30.43 -40.54
N GLN B 26 7.51 -31.36 -41.50
CA GLN B 26 7.05 -32.73 -41.34
C GLN B 26 7.95 -33.46 -40.34
N GLU B 27 9.27 -33.29 -40.48
CA GLU B 27 10.24 -33.95 -39.61
C GLU B 27 10.01 -33.52 -38.16
N ALA B 28 9.67 -32.24 -37.96
CA ALA B 28 9.35 -31.73 -36.64
C ALA B 28 8.16 -32.47 -36.05
N GLU B 29 7.10 -32.67 -36.87
CA GLU B 29 5.89 -33.34 -36.43
C GLU B 29 6.19 -34.79 -36.05
N GLN B 30 7.11 -35.43 -36.80
CA GLN B 30 7.50 -36.81 -36.54
C GLN B 30 8.18 -36.92 -35.18
N LEU B 31 9.02 -35.92 -34.83
CA LEU B 31 9.74 -35.90 -33.56
C LEU B 31 8.77 -35.62 -32.42
N LYS B 32 7.79 -34.74 -32.67
CA LYS B 32 6.76 -34.42 -31.68
C LYS B 32 5.91 -35.65 -31.38
N ASN B 33 5.64 -36.45 -32.43
CA ASN B 33 4.92 -37.72 -32.28
C ASN B 33 5.76 -38.69 -31.46
N GLN B 34 7.07 -38.76 -31.74
CA GLN B 34 7.99 -39.66 -31.05
C GLN B 34 8.03 -39.32 -29.56
N ILE B 35 8.13 -38.02 -29.25
CA ILE B 35 8.19 -37.55 -27.86
C ILE B 35 6.89 -37.95 -27.15
N ARG B 36 5.75 -37.72 -27.82
CA ARG B 36 4.45 -38.03 -27.24
C ARG B 36 4.35 -39.52 -26.92
N ASP B 37 4.82 -40.37 -27.86
CA ASP B 37 4.78 -41.81 -27.69
C ASP B 37 5.69 -42.24 -26.53
N ALA B 38 6.83 -41.56 -26.39
CA ALA B 38 7.80 -41.90 -25.36
C ALA B 38 7.25 -41.59 -23.97
N ARG B 39 6.59 -40.43 -23.82
CA ARG B 39 6.07 -40.00 -22.53
C ARG B 39 4.79 -40.77 -22.20
N LYS B 40 4.10 -41.28 -23.23
CA LYS B 40 2.94 -42.14 -23.05
C LYS B 40 3.40 -43.51 -22.55
N ALA B 41 4.56 -43.97 -23.04
CA ALA B 41 5.08 -45.29 -22.71
C ALA B 41 5.38 -45.39 -21.22
N CYS B 42 6.02 -44.35 -20.65
CA CYS B 42 6.45 -44.38 -19.26
C CYS B 42 5.28 -44.05 -18.32
N ALA B 43 4.16 -43.56 -18.87
CA ALA B 43 2.94 -43.40 -18.10
C ALA B 43 2.29 -44.77 -17.89
N ASP B 44 2.33 -45.26 -16.64
CA ASP B 44 1.81 -46.57 -16.28
C ASP B 44 0.69 -46.44 -15.26
N ALA B 45 0.91 -45.63 -14.21
CA ALA B 45 -0.09 -45.39 -13.18
C ALA B 45 -0.10 -43.90 -12.83
N THR B 46 -1.29 -43.38 -12.50
CA THR B 46 -1.46 -41.96 -12.20
C THR B 46 -1.06 -41.70 -10.75
N LEU B 47 -0.78 -40.44 -10.43
CA LEU B 47 -0.46 -40.03 -9.07
C LEU B 47 -1.65 -40.31 -8.15
N SER B 48 -2.87 -40.13 -8.68
CA SER B 48 -4.10 -40.38 -7.94
C SER B 48 -4.16 -41.80 -7.41
N GLN B 49 -3.78 -42.78 -8.25
CA GLN B 49 -3.83 -44.19 -7.90
C GLN B 49 -2.86 -44.47 -6.74
N ILE B 50 -1.67 -43.84 -6.79
CA ILE B 50 -0.64 -44.08 -5.79
C ILE B 50 -1.06 -43.38 -4.49
N THR B 51 -1.58 -42.14 -4.62
CA THR B 51 -1.99 -41.34 -3.47
C THR B 51 -3.47 -41.59 -3.18
N ASN B 52 -3.82 -42.85 -2.92
CA ASN B 52 -5.19 -43.23 -2.59
C ASN B 52 -5.26 -43.70 -1.14
N ASN B 53 -4.18 -44.33 -0.65
CA ASN B 53 -4.16 -44.94 0.67
C ASN B 53 -3.66 -43.96 1.73
N ILE B 54 -3.00 -42.87 1.31
CA ILE B 54 -2.61 -41.81 2.24
C ILE B 54 -3.89 -41.14 2.76
N ASP B 55 -3.81 -40.60 3.99
CA ASP B 55 -4.95 -39.96 4.62
C ASP B 55 -4.99 -38.49 4.21
N PRO B 56 -6.18 -37.86 4.11
CA PRO B 56 -6.25 -36.44 3.74
C PRO B 56 -5.68 -35.53 4.82
N VAL B 57 -5.39 -34.28 4.43
CA VAL B 57 -4.70 -33.33 5.28
C VAL B 57 -5.70 -32.75 6.30
N GLY B 58 -7.00 -32.87 6.01
CA GLY B 58 -8.04 -32.31 6.85
C GLY B 58 -8.43 -30.91 6.36
N ARG B 59 -9.11 -30.15 7.23
CA ARG B 59 -9.50 -28.79 6.92
C ARG B 59 -8.42 -27.84 7.42
N ILE B 60 -7.88 -27.01 6.50
CA ILE B 60 -6.81 -26.08 6.80
C ILE B 60 -7.43 -24.76 7.22
N GLN B 61 -7.45 -24.51 8.54
CA GLN B 61 -8.01 -23.30 9.11
C GLN B 61 -6.88 -22.31 9.39
N MET B 62 -6.66 -21.38 8.45
CA MET B 62 -5.73 -20.28 8.62
C MET B 62 -6.50 -19.00 8.87
N ARG B 63 -5.90 -18.09 9.66
CA ARG B 63 -6.50 -16.80 9.98
C ARG B 63 -5.50 -15.69 9.67
N THR B 64 -6.01 -14.52 9.27
CA THR B 64 -5.17 -13.35 9.04
C THR B 64 -4.59 -12.90 10.37
N ARG B 65 -3.25 -12.89 10.45
CA ARG B 65 -2.55 -12.48 11.65
C ARG B 65 -2.17 -11.00 11.56
N ARG B 66 -1.63 -10.59 10.40
CA ARG B 66 -1.20 -9.22 10.18
C ARG B 66 -1.85 -8.67 8.91
N THR B 67 -2.06 -7.36 8.89
CA THR B 67 -2.42 -6.65 7.68
C THR B 67 -1.46 -5.47 7.52
N LEU B 68 -0.66 -5.52 6.45
CA LEU B 68 0.35 -4.50 6.17
C LEU B 68 -0.30 -3.39 5.35
N ARG B 69 -0.47 -2.21 5.98
CA ARG B 69 -1.20 -1.10 5.39
C ARG B 69 -0.23 0.05 5.14
N GLY B 70 -0.24 0.60 3.91
CA GLY B 70 0.70 1.65 3.53
C GLY B 70 0.62 1.99 2.06
N HIS B 71 0.57 0.96 1.20
CA HIS B 71 0.47 1.15 -0.25
C HIS B 71 -0.84 1.85 -0.58
N LEU B 72 -0.80 2.72 -1.61
CA LEU B 72 -1.94 3.55 -1.98
C LEU B 72 -2.41 3.20 -3.39
N ALA B 73 -2.08 1.98 -3.85
CA ALA B 73 -2.46 1.52 -5.17
C ALA B 73 -2.37 -0.01 -5.22
N LYS B 74 -2.76 -0.58 -6.36
CA LYS B 74 -2.80 -2.03 -6.53
C LYS B 74 -1.38 -2.60 -6.35
N ILE B 75 -1.25 -3.56 -5.43
CA ILE B 75 0.01 -4.27 -5.21
C ILE B 75 0.13 -5.34 -6.28
N TYR B 76 1.28 -5.36 -6.98
CA TYR B 76 1.48 -6.25 -8.11
C TYR B 76 2.41 -7.40 -7.75
N ALA B 77 3.40 -7.15 -6.89
CA ALA B 77 4.38 -8.18 -6.54
C ALA B 77 4.83 -8.03 -5.09
N MET B 78 5.27 -9.15 -4.51
CA MET B 78 5.95 -9.16 -3.23
C MET B 78 6.93 -10.33 -3.22
N HIS B 79 7.90 -10.29 -2.29
CA HIS B 79 8.85 -11.36 -2.13
C HIS B 79 9.43 -11.34 -0.72
N TRP B 80 9.55 -12.52 -0.10
CA TRP B 80 10.12 -12.66 1.22
C TRP B 80 11.65 -12.53 1.15
N GLY B 81 12.26 -12.11 2.27
CA GLY B 81 13.67 -12.29 2.50
C GLY B 81 13.96 -13.72 2.96
N THR B 82 15.24 -14.08 3.02
CA THR B 82 15.64 -15.43 3.41
C THR B 82 15.52 -15.57 4.93
N ASP B 83 15.60 -14.44 5.65
CA ASP B 83 15.47 -14.43 7.10
C ASP B 83 14.11 -14.93 7.55
N SER B 84 13.12 -14.87 6.65
CA SER B 84 11.74 -15.28 6.93
C SER B 84 11.10 -14.30 7.92
N ARG B 85 11.37 -13.00 7.70
CA ARG B 85 10.84 -11.95 8.55
C ARG B 85 10.58 -10.70 7.71
N LEU B 86 11.62 -10.23 7.00
CA LEU B 86 11.49 -9.07 6.12
C LEU B 86 10.89 -9.52 4.79
N LEU B 87 10.05 -8.65 4.20
CA LEU B 87 9.56 -8.87 2.84
C LEU B 87 9.45 -7.53 2.12
N VAL B 88 9.65 -7.55 0.81
CA VAL B 88 9.54 -6.38 -0.05
C VAL B 88 8.22 -6.50 -0.82
N SER B 89 7.59 -5.36 -1.13
CA SER B 89 6.37 -5.34 -1.91
C SER B 89 6.41 -4.20 -2.92
N ALA B 90 5.75 -4.40 -4.07
CA ALA B 90 5.73 -3.44 -5.15
C ALA B 90 4.29 -3.02 -5.46
N SER B 91 4.10 -1.73 -5.74
CA SER B 91 2.77 -1.19 -6.04
C SER B 91 2.87 -0.17 -7.18
N GLN B 92 1.72 0.10 -7.82
CA GLN B 92 1.64 0.99 -8.96
C GLN B 92 1.75 2.45 -8.52
N ASP B 93 1.68 2.69 -7.20
CA ASP B 93 1.88 4.01 -6.63
C ASP B 93 3.29 4.51 -6.95
N GLY B 94 4.22 3.57 -7.13
CA GLY B 94 5.60 3.88 -7.46
C GLY B 94 6.49 3.83 -6.22
N LYS B 95 6.30 2.78 -5.41
CA LYS B 95 6.99 2.62 -4.14
C LYS B 95 7.29 1.15 -3.89
N LEU B 96 8.54 0.85 -3.51
CA LEU B 96 8.88 -0.39 -2.85
C LEU B 96 8.89 -0.13 -1.34
N ILE B 97 8.11 -0.91 -0.60
CA ILE B 97 8.17 -0.88 0.86
C ILE B 97 8.75 -2.19 1.34
N ILE B 98 9.75 -2.11 2.24
CA ILE B 98 10.27 -3.27 2.93
C ILE B 98 9.66 -3.28 4.33
N TRP B 99 8.96 -4.37 4.66
CA TRP B 99 8.21 -4.48 5.90
C TRP B 99 8.98 -5.37 6.88
N ASP B 100 8.81 -5.10 8.18
CA ASP B 100 9.08 -6.06 9.22
C ASP B 100 7.75 -6.74 9.57
N SER B 101 7.66 -8.04 9.27
CA SER B 101 6.41 -8.77 9.38
C SER B 101 5.98 -8.93 10.84
N TYR B 102 6.95 -9.15 11.73
CA TYR B 102 6.68 -9.44 13.12
C TYR B 102 6.07 -8.23 13.82
N THR B 103 6.52 -7.02 13.43
CA THR B 103 6.17 -5.80 14.16
C THR B 103 5.24 -4.91 13.34
N THR B 104 5.00 -5.25 12.07
CA THR B 104 4.21 -4.43 11.16
C THR B 104 4.85 -3.04 11.07
N ASN B 105 6.17 -3.02 10.83
CA ASN B 105 6.93 -1.78 10.72
C ASN B 105 7.47 -1.64 9.31
N LYS B 106 7.60 -0.38 8.85
CA LYS B 106 8.22 -0.08 7.57
C LYS B 106 9.69 0.21 7.81
N VAL B 107 10.56 -0.53 7.10
CA VAL B 107 12.00 -0.46 7.32
C VAL B 107 12.58 0.52 6.31
N HIS B 108 12.23 0.35 5.03
CA HIS B 108 12.59 1.29 3.98
C HIS B 108 11.40 1.53 3.06
N ALA B 109 11.29 2.75 2.53
CA ALA B 109 10.37 3.06 1.45
C ALA B 109 11.15 3.70 0.32
N ILE B 110 11.12 3.06 -0.86
CA ILE B 110 11.99 3.43 -1.97
C ILE B 110 11.14 4.08 -3.06
N PRO B 111 11.38 5.36 -3.42
CA PRO B 111 10.69 5.97 -4.57
C PRO B 111 11.29 5.46 -5.88
N LEU B 112 10.42 5.10 -6.83
CA LEU B 112 10.82 4.48 -8.08
C LEU B 112 10.65 5.48 -9.22
N ARG B 113 11.54 5.39 -10.22
CA ARG B 113 11.55 6.33 -11.32
C ARG B 113 10.34 6.10 -12.21
N SER B 114 10.04 4.83 -12.49
CA SER B 114 8.82 4.43 -13.18
C SER B 114 7.84 3.85 -12.18
N SER B 115 6.61 4.37 -12.19
CA SER B 115 5.55 3.92 -11.29
C SER B 115 5.02 2.56 -11.74
N TRP B 116 5.24 2.23 -13.02
CA TRP B 116 4.73 1.00 -13.60
C TRP B 116 5.69 -0.14 -13.28
N VAL B 117 5.36 -0.91 -12.24
CA VAL B 117 6.18 -2.03 -11.80
C VAL B 117 5.30 -3.28 -11.75
N MET B 118 5.82 -4.39 -12.28
CA MET B 118 5.05 -5.62 -12.38
C MET B 118 5.77 -6.76 -11.65
N THR B 119 6.94 -6.47 -11.07
CA THR B 119 7.74 -7.49 -10.39
C THR B 119 8.66 -6.83 -9.36
N CYS B 120 9.08 -7.62 -8.37
CA CYS B 120 10.14 -7.24 -7.45
C CYS B 120 10.76 -8.51 -6.86
N ALA B 121 12.01 -8.39 -6.37
CA ALA B 121 12.72 -9.51 -5.78
C ALA B 121 13.57 -9.02 -4.61
N TYR B 122 13.99 -9.97 -3.77
CA TYR B 122 14.83 -9.69 -2.62
C TYR B 122 16.02 -10.64 -2.67
N ALA B 123 17.24 -10.09 -2.61
CA ALA B 123 18.44 -10.90 -2.73
C ALA B 123 18.52 -11.88 -1.57
N PRO B 124 19.07 -13.11 -1.76
CA PRO B 124 19.24 -14.07 -0.67
C PRO B 124 20.08 -13.53 0.50
N SER B 125 21.11 -12.74 0.18
CA SER B 125 21.98 -12.14 1.18
C SER B 125 21.23 -11.08 1.98
N GLY B 126 20.30 -10.40 1.31
CA GLY B 126 19.49 -9.36 1.95
C GLY B 126 20.11 -7.98 1.79
N ASN B 127 21.05 -7.84 0.84
CA ASN B 127 21.78 -6.60 0.64
C ASN B 127 21.15 -5.79 -0.50
N TYR B 128 20.36 -6.45 -1.36
CA TYR B 128 19.82 -5.81 -2.56
C TYR B 128 18.34 -6.17 -2.71
N VAL B 129 17.63 -5.32 -3.46
CA VAL B 129 16.30 -5.63 -3.99
C VAL B 129 16.28 -5.23 -5.46
N ALA B 130 15.36 -5.84 -6.22
CA ALA B 130 15.19 -5.52 -7.63
C ALA B 130 13.72 -5.23 -7.91
N CYS B 131 13.45 -4.53 -9.02
CA CYS B 131 12.10 -4.33 -9.52
C CYS B 131 12.15 -3.95 -11.00
N GLY B 132 11.00 -4.07 -11.67
CA GLY B 132 10.85 -3.66 -13.06
C GLY B 132 9.39 -3.73 -13.50
N GLY B 133 9.12 -3.25 -14.72
CA GLY B 133 7.78 -3.27 -15.28
C GLY B 133 7.76 -2.79 -16.73
N LEU B 134 6.94 -1.76 -17.00
CA LEU B 134 6.71 -1.28 -18.35
C LEU B 134 7.87 -0.40 -18.82
N ASP B 135 8.84 -0.14 -17.94
CA ASP B 135 10.03 0.62 -18.29
C ASP B 135 10.98 -0.22 -19.13
N ASN B 136 10.82 -1.55 -19.08
CA ASN B 136 11.69 -2.50 -19.77
C ASN B 136 13.09 -2.47 -19.16
N ILE B 137 13.16 -2.21 -17.85
CA ILE B 137 14.42 -2.09 -17.14
C ILE B 137 14.30 -2.78 -15.79
N CYS B 138 15.33 -3.56 -15.42
CA CYS B 138 15.45 -4.13 -14.09
C CYS B 138 16.39 -3.26 -13.26
N SER B 139 15.84 -2.62 -12.22
CA SER B 139 16.58 -1.68 -11.39
C SER B 139 17.01 -2.35 -10.09
N ILE B 140 18.33 -2.34 -9.82
CA ILE B 140 18.89 -2.92 -8.60
C ILE B 140 19.09 -1.80 -7.59
N TYR B 141 18.74 -2.05 -6.33
CA TYR B 141 18.82 -1.07 -5.27
C TYR B 141 19.70 -1.61 -4.14
N ASN B 142 20.76 -0.87 -3.80
CA ASN B 142 21.63 -1.21 -2.68
C ASN B 142 20.96 -0.73 -1.39
N LEU B 143 20.71 -1.66 -0.47
CA LEU B 143 19.99 -1.35 0.76
C LEU B 143 20.97 -0.87 1.83
N LYS B 144 22.21 -1.36 1.79
CA LYS B 144 23.17 -1.15 2.88
C LYS B 144 24.30 -0.25 2.38
N THR B 145 24.19 1.05 2.71
CA THR B 145 25.17 2.06 2.33
C THR B 145 25.64 2.78 3.59
N ARG B 146 26.77 3.49 3.47
CA ARG B 146 27.28 4.33 4.56
C ARG B 146 26.44 5.59 4.68
N GLU B 147 25.87 6.05 3.56
CA GLU B 147 25.13 7.30 3.50
C GLU B 147 23.75 7.11 4.14
N GLY B 148 23.34 5.85 4.33
CA GLY B 148 22.13 5.53 5.08
C GLY B 148 20.88 5.83 4.27
N ASN B 149 20.97 5.65 2.94
CA ASN B 149 19.84 5.80 2.04
C ASN B 149 19.92 4.71 0.97
N VAL B 150 18.75 4.32 0.45
CA VAL B 150 18.69 3.30 -0.58
C VAL B 150 18.87 3.99 -1.92
N ARG B 151 19.90 3.56 -2.67
CA ARG B 151 20.27 4.18 -3.94
C ARG B 151 20.26 3.12 -5.04
N VAL B 152 20.09 3.57 -6.28
CA VAL B 152 20.06 2.67 -7.44
C VAL B 152 21.50 2.25 -7.74
N SER B 153 21.77 0.94 -7.71
CA SER B 153 23.08 0.41 -8.01
C SER B 153 23.26 0.30 -9.52
N ARG B 154 22.30 -0.36 -10.19
CA ARG B 154 22.35 -0.58 -11.63
C ARG B 154 20.95 -0.49 -12.22
N GLU B 155 20.87 -0.03 -13.48
CA GLU B 155 19.66 -0.12 -14.28
C GLU B 155 19.95 -1.00 -15.49
N LEU B 156 19.45 -2.25 -15.45
CA LEU B 156 19.75 -3.24 -16.46
C LEU B 156 18.82 -3.03 -17.66
N ALA B 157 19.41 -2.72 -18.82
CA ALA B 157 18.66 -2.44 -20.03
C ALA B 157 19.12 -3.36 -21.16
N GLY B 158 18.17 -3.75 -22.02
CA GLY B 158 18.41 -4.72 -23.06
C GLY B 158 17.11 -5.37 -23.55
N HIS B 159 16.21 -5.68 -22.61
CA HIS B 159 14.92 -6.26 -22.92
C HIS B 159 14.09 -5.26 -23.72
N THR B 160 13.37 -5.78 -24.72
CA THR B 160 12.57 -4.98 -25.64
C THR B 160 11.17 -4.77 -25.04
N GLY B 161 10.70 -5.73 -24.23
CA GLY B 161 9.35 -5.71 -23.71
C GLY B 161 9.32 -5.47 -22.21
N TYR B 162 8.12 -5.43 -21.64
CA TYR B 162 7.92 -5.20 -20.22
C TYR B 162 8.57 -6.33 -19.42
N LEU B 163 9.19 -5.98 -18.29
CA LEU B 163 9.82 -6.95 -17.42
C LEU B 163 8.71 -7.62 -16.59
N SER B 164 8.59 -8.94 -16.71
CA SER B 164 7.50 -9.69 -16.12
C SER B 164 7.90 -10.26 -14.77
N CYS B 165 9.12 -10.81 -14.69
CA CYS B 165 9.63 -11.39 -13.45
C CYS B 165 11.15 -11.22 -13.38
N CYS B 166 11.69 -11.31 -12.15
CA CYS B 166 13.11 -11.25 -11.91
C CYS B 166 13.44 -11.96 -10.60
N ARG B 167 14.58 -12.66 -10.56
CA ARG B 167 15.01 -13.39 -9.37
C ARG B 167 16.54 -13.43 -9.32
N PHE B 168 17.09 -13.10 -8.14
CA PHE B 168 18.53 -13.15 -7.94
C PHE B 168 18.98 -14.60 -7.80
N LEU B 169 20.17 -14.90 -8.34
CA LEU B 169 20.90 -16.13 -8.02
C LEU B 169 21.94 -15.80 -6.95
N ASP B 170 22.53 -14.61 -7.08
CA ASP B 170 23.64 -14.17 -6.24
C ASP B 170 23.53 -12.65 -6.09
N ASP B 171 24.52 -12.03 -5.43
CA ASP B 171 24.59 -10.58 -5.35
C ASP B 171 25.01 -9.98 -6.70
N ASN B 172 25.63 -10.81 -7.57
CA ASN B 172 26.17 -10.31 -8.83
C ASN B 172 25.45 -10.93 -10.04
N GLN B 173 24.47 -11.81 -9.81
CA GLN B 173 23.76 -12.45 -10.91
C GLN B 173 22.25 -12.40 -10.65
N ILE B 174 21.51 -12.01 -11.70
CA ILE B 174 20.05 -11.99 -11.66
C ILE B 174 19.55 -12.51 -13.02
N VAL B 175 18.39 -13.18 -12.99
CA VAL B 175 17.77 -13.69 -14.21
C VAL B 175 16.38 -13.05 -14.32
N THR B 176 16.04 -12.60 -15.54
CA THR B 176 14.82 -11.83 -15.77
C THR B 176 14.02 -12.48 -16.90
N SER B 177 12.69 -12.36 -16.82
CA SER B 177 11.79 -12.67 -17.92
C SER B 177 11.14 -11.38 -18.41
N SER B 178 10.81 -11.35 -19.71
CA SER B 178 10.27 -10.15 -20.32
C SER B 178 9.21 -10.51 -21.37
N GLY B 179 8.34 -9.54 -21.68
CA GLY B 179 7.29 -9.72 -22.66
C GLY B 179 7.82 -9.77 -24.10
N ASP B 180 9.14 -9.59 -24.26
CA ASP B 180 9.79 -9.70 -25.55
C ASP B 180 10.04 -11.16 -25.92
N THR B 181 9.52 -12.08 -25.10
CA THR B 181 9.51 -13.51 -25.42
C THR B 181 10.89 -14.11 -25.16
N THR B 182 11.66 -13.49 -24.25
CA THR B 182 13.00 -13.98 -23.93
C THR B 182 13.23 -13.86 -22.42
N CYS B 183 14.10 -14.75 -21.90
CA CYS B 183 14.68 -14.60 -20.58
C CYS B 183 16.18 -14.32 -20.73
N ALA B 184 16.77 -13.65 -19.74
CA ALA B 184 18.16 -13.24 -19.81
C ALA B 184 18.83 -13.31 -18.44
N LEU B 185 20.09 -13.77 -18.44
CA LEU B 185 20.93 -13.77 -17.25
C LEU B 185 21.88 -12.57 -17.34
N TRP B 186 22.08 -11.89 -16.20
CA TRP B 186 22.85 -10.65 -16.17
C TRP B 186 24.07 -10.81 -15.26
N ASP B 187 25.13 -10.04 -15.59
CA ASP B 187 26.22 -9.77 -14.68
C ASP B 187 26.04 -8.34 -14.16
N ILE B 188 25.59 -8.22 -12.91
CA ILE B 188 25.13 -6.94 -12.37
C ILE B 188 26.31 -5.96 -12.36
N GLU B 189 27.50 -6.44 -11.96
CA GLU B 189 28.69 -5.60 -11.88
C GLU B 189 28.90 -4.84 -13.19
N THR B 190 28.93 -5.57 -14.31
CA THR B 190 29.21 -4.97 -15.61
C THR B 190 27.93 -4.37 -16.19
N GLY B 191 26.79 -4.96 -15.85
CA GLY B 191 25.50 -4.49 -16.35
C GLY B 191 25.25 -4.98 -17.77
N GLN B 192 25.54 -6.26 -18.03
CA GLN B 192 25.47 -6.84 -19.36
C GLN B 192 24.78 -8.20 -19.28
N GLN B 193 24.04 -8.56 -20.34
CA GLN B 193 23.47 -9.89 -20.46
C GLN B 193 24.61 -10.89 -20.69
N THR B 194 24.70 -11.88 -19.80
CA THR B 194 25.69 -12.95 -19.94
C THR B 194 25.20 -13.93 -21.01
N THR B 195 23.95 -14.38 -20.89
CA THR B 195 23.35 -15.28 -21.86
C THR B 195 21.85 -14.98 -21.97
N THR B 196 21.29 -15.24 -23.16
CA THR B 196 19.89 -15.00 -23.44
C THR B 196 19.22 -16.34 -23.75
N PHE B 197 18.07 -16.59 -23.08
CA PHE B 197 17.32 -17.82 -23.25
C PHE B 197 16.18 -17.57 -24.22
N THR B 198 16.25 -18.22 -25.39
CA THR B 198 15.28 -18.02 -26.46
C THR B 198 14.63 -19.37 -26.79
N GLY B 199 13.32 -19.34 -27.06
CA GLY B 199 12.56 -20.55 -27.33
C GLY B 199 11.06 -20.29 -27.36
N HIS B 200 10.54 -19.59 -26.34
CA HIS B 200 9.13 -19.30 -26.20
C HIS B 200 8.60 -18.56 -27.43
N THR B 201 7.27 -18.56 -27.60
CA THR B 201 6.63 -17.87 -28.71
C THR B 201 5.57 -16.90 -28.20
N GLY B 202 5.63 -16.55 -26.90
CA GLY B 202 4.70 -15.61 -26.30
C GLY B 202 5.34 -14.86 -25.13
N ASP B 203 4.60 -13.89 -24.58
CA ASP B 203 5.10 -13.08 -23.47
C ASP B 203 5.38 -13.98 -22.27
N VAL B 204 6.65 -14.04 -21.87
CA VAL B 204 7.06 -14.86 -20.74
C VAL B 204 6.60 -14.12 -19.48
N MET B 205 5.84 -14.82 -18.62
CA MET B 205 5.09 -14.19 -17.55
C MET B 205 5.74 -14.42 -16.20
N SER B 206 6.17 -15.66 -15.92
CA SER B 206 6.61 -16.02 -14.58
C SER B 206 7.90 -16.84 -14.64
N LEU B 207 8.61 -16.88 -13.50
CA LEU B 207 9.92 -17.49 -13.40
C LEU B 207 10.05 -18.16 -12.04
N SER B 208 10.83 -19.26 -11.98
CA SER B 208 11.09 -19.94 -10.72
C SER B 208 12.43 -20.66 -10.77
N LEU B 209 13.33 -20.28 -9.84
CA LEU B 209 14.62 -20.94 -9.70
C LEU B 209 14.43 -22.29 -9.03
N ALA B 210 15.25 -23.27 -9.43
CA ALA B 210 15.37 -24.52 -8.70
C ALA B 210 16.16 -24.27 -7.42
N PRO B 211 16.00 -25.11 -6.36
CA PRO B 211 16.77 -24.92 -5.12
C PRO B 211 18.28 -24.72 -5.29
N ASP B 212 18.89 -25.46 -6.23
CA ASP B 212 20.33 -25.45 -6.41
C ASP B 212 20.78 -24.28 -7.29
N THR B 213 19.83 -23.58 -7.92
CA THR B 213 20.09 -22.47 -8.83
C THR B 213 21.05 -22.92 -9.93
N ARG B 214 20.79 -24.12 -10.48
CA ARG B 214 21.46 -24.59 -11.69
C ARG B 214 20.45 -24.65 -12.83
N LEU B 215 19.15 -24.76 -12.50
CA LEU B 215 18.08 -24.76 -13.47
C LEU B 215 17.01 -23.76 -13.04
N PHE B 216 16.17 -23.34 -14.01
CA PHE B 216 14.97 -22.57 -13.72
C PHE B 216 13.91 -22.88 -14.77
N VAL B 217 12.64 -22.61 -14.42
CA VAL B 217 11.52 -22.86 -15.33
C VAL B 217 10.82 -21.52 -15.59
N SER B 218 10.24 -21.40 -16.80
CA SER B 218 9.57 -20.19 -17.22
C SER B 218 8.24 -20.55 -17.89
N GLY B 219 7.17 -19.83 -17.52
CA GLY B 219 5.85 -20.02 -18.09
C GLY B 219 5.45 -18.82 -18.93
N ALA B 220 5.00 -19.08 -20.17
CA ALA B 220 4.75 -18.03 -21.14
C ALA B 220 3.30 -18.10 -21.64
N CYS B 221 2.89 -17.06 -22.38
CA CYS B 221 1.54 -16.94 -22.91
C CYS B 221 1.30 -17.89 -24.09
N ASP B 222 2.35 -18.63 -24.50
CA ASP B 222 2.24 -19.64 -25.54
C ASP B 222 1.65 -20.92 -24.97
N ALA B 223 1.14 -20.87 -23.73
CA ALA B 223 0.58 -22.03 -23.03
C ALA B 223 1.61 -23.17 -23.03
N SER B 224 2.82 -22.85 -22.56
CA SER B 224 3.92 -23.80 -22.50
C SER B 224 4.93 -23.36 -21.45
N ALA B 225 5.52 -24.35 -20.75
CA ALA B 225 6.57 -24.10 -19.78
C ALA B 225 7.85 -24.79 -20.23
N LYS B 226 9.00 -24.16 -19.96
CA LYS B 226 10.29 -24.66 -20.43
C LYS B 226 11.27 -24.74 -19.28
N LEU B 227 12.13 -25.76 -19.33
CA LEU B 227 13.21 -25.96 -18.36
C LEU B 227 14.52 -25.48 -18.97
N TRP B 228 15.25 -24.63 -18.23
CA TRP B 228 16.46 -24.00 -18.72
C TRP B 228 17.66 -24.44 -17.90
N ASP B 229 18.79 -24.64 -18.58
CA ASP B 229 20.08 -24.79 -17.92
C ASP B 229 20.73 -23.42 -17.87
N VAL B 230 20.98 -22.92 -16.64
CA VAL B 230 21.50 -21.58 -16.43
C VAL B 230 22.88 -21.47 -17.07
N ARG B 231 23.70 -22.52 -16.86
CA ARG B 231 25.11 -22.49 -17.19
C ARG B 231 25.30 -22.58 -18.70
N GLU B 232 24.69 -23.60 -19.33
CA GLU B 232 24.91 -23.88 -20.74
C GLU B 232 24.07 -22.92 -21.60
N GLY B 233 22.88 -22.56 -21.13
CA GLY B 233 22.00 -21.65 -21.84
C GLY B 233 21.29 -22.36 -22.99
N MET B 234 20.42 -23.32 -22.63
CA MET B 234 19.67 -24.10 -23.61
C MET B 234 18.37 -24.59 -22.97
N CYS B 235 17.36 -24.81 -23.82
CA CYS B 235 16.10 -25.41 -23.39
C CYS B 235 16.29 -26.92 -23.27
N ARG B 236 16.13 -27.45 -22.05
CA ARG B 236 16.35 -28.86 -21.79
C ARG B 236 15.04 -29.62 -22.06
N GLN B 237 13.93 -29.11 -21.52
CA GLN B 237 12.63 -29.76 -21.67
C GLN B 237 11.55 -28.70 -21.90
N THR B 238 10.45 -29.12 -22.55
CA THR B 238 9.29 -28.27 -22.78
C THR B 238 8.05 -29.01 -22.29
N PHE B 239 7.15 -28.29 -21.59
CA PHE B 239 6.00 -28.87 -20.94
C PHE B 239 4.73 -28.23 -21.48
N THR B 240 3.82 -29.06 -22.00
CA THR B 240 2.55 -28.62 -22.55
C THR B 240 1.41 -29.29 -21.78
N GLY B 241 0.25 -28.63 -21.76
CA GLY B 241 -0.91 -29.14 -21.05
C GLY B 241 -1.99 -28.06 -20.87
N HIS B 242 -1.57 -26.90 -20.36
CA HIS B 242 -2.47 -25.77 -20.17
C HIS B 242 -3.07 -25.34 -21.51
N GLU B 243 -4.32 -24.85 -21.46
CA GLU B 243 -5.05 -24.40 -22.64
C GLU B 243 -4.80 -22.92 -22.88
N SER B 244 -4.47 -22.18 -21.80
CA SER B 244 -4.38 -20.73 -21.84
C SER B 244 -3.03 -20.28 -21.29
N ASP B 245 -2.87 -18.95 -21.14
CA ASP B 245 -1.61 -18.34 -20.75
C ASP B 245 -1.24 -18.73 -19.32
N ILE B 246 0.01 -19.16 -19.12
CA ILE B 246 0.52 -19.51 -17.80
C ILE B 246 0.97 -18.22 -17.12
N ASN B 247 0.30 -17.88 -16.01
CA ASN B 247 0.54 -16.62 -15.31
C ASN B 247 1.49 -16.82 -14.14
N ALA B 248 1.59 -18.04 -13.62
CA ALA B 248 2.38 -18.31 -12.44
C ALA B 248 3.09 -19.66 -12.57
N ILE B 249 4.27 -19.76 -11.95
CA ILE B 249 5.03 -21.00 -11.91
C ILE B 249 5.80 -21.04 -10.59
N CYS B 250 6.00 -22.24 -10.04
CA CYS B 250 6.74 -22.43 -8.81
C CYS B 250 7.32 -23.83 -8.74
N PHE B 251 8.51 -23.94 -8.14
CA PHE B 251 9.26 -25.19 -8.10
C PHE B 251 8.87 -25.95 -6.83
N PHE B 252 8.74 -27.28 -6.93
CA PHE B 252 8.47 -28.14 -5.79
C PHE B 252 9.74 -28.24 -4.96
N PRO B 253 9.67 -28.22 -3.60
CA PRO B 253 10.87 -28.11 -2.76
C PRO B 253 11.97 -29.14 -3.01
N ASN B 254 11.58 -30.37 -3.41
CA ASN B 254 12.53 -31.40 -3.80
C ASN B 254 13.41 -30.89 -4.93
N GLY B 255 12.78 -30.26 -5.94
CA GLY B 255 13.47 -29.72 -7.09
C GLY B 255 13.37 -30.64 -8.31
N ASN B 256 12.47 -31.63 -8.25
CA ASN B 256 12.25 -32.57 -9.34
C ASN B 256 10.82 -32.46 -9.86
N ALA B 257 10.14 -31.35 -9.54
CA ALA B 257 8.79 -31.08 -10.00
C ALA B 257 8.49 -29.59 -9.90
N PHE B 258 7.44 -29.13 -10.59
CA PHE B 258 7.01 -27.74 -10.52
C PHE B 258 5.53 -27.64 -10.82
N ALA B 259 4.90 -26.55 -10.35
CA ALA B 259 3.47 -26.34 -10.50
C ALA B 259 3.22 -25.02 -11.22
N THR B 260 2.32 -25.06 -12.22
CA THR B 260 1.95 -23.90 -13.01
C THR B 260 0.56 -23.43 -12.60
N GLY B 261 0.24 -22.18 -12.93
CA GLY B 261 -1.09 -21.62 -12.73
C GLY B 261 -1.47 -20.74 -13.93
N SER B 262 -2.61 -21.07 -14.57
CA SER B 262 -2.93 -20.51 -15.87
C SER B 262 -4.30 -19.82 -15.83
N ASP B 263 -4.70 -19.26 -16.99
CA ASP B 263 -5.95 -18.52 -17.12
C ASP B 263 -7.12 -19.46 -17.37
N ASP B 264 -6.85 -20.74 -17.66
CA ASP B 264 -7.90 -21.72 -17.89
C ASP B 264 -8.46 -22.23 -16.55
N ALA B 265 -8.09 -21.54 -15.44
CA ALA B 265 -8.65 -21.80 -14.12
C ALA B 265 -8.25 -23.18 -13.61
N THR B 266 -7.02 -23.62 -13.96
CA THR B 266 -6.48 -24.87 -13.46
C THR B 266 -5.02 -24.65 -13.05
N CYS B 267 -4.59 -25.37 -12.00
CA CYS B 267 -3.17 -25.55 -11.72
C CYS B 267 -2.78 -26.97 -12.11
N ARG B 268 -1.51 -27.15 -12.49
CA ARG B 268 -1.02 -28.45 -12.95
C ARG B 268 0.33 -28.76 -12.32
N LEU B 269 0.61 -30.05 -12.14
CA LEU B 269 1.86 -30.51 -11.53
C LEU B 269 2.66 -31.28 -12.58
N PHE B 270 3.88 -30.82 -12.86
CA PHE B 270 4.77 -31.48 -13.81
C PHE B 270 5.99 -32.00 -13.06
N ASP B 271 6.47 -33.19 -13.44
CA ASP B 271 7.73 -33.72 -12.95
C ASP B 271 8.76 -33.67 -14.08
N LEU B 272 10.04 -33.54 -13.70
CA LEU B 272 11.11 -33.32 -14.67
C LEU B 272 11.60 -34.65 -15.21
N ARG B 273 11.74 -35.65 -14.34
CA ARG B 273 12.42 -36.89 -14.68
C ARG B 273 11.55 -37.72 -15.63
N ALA B 274 10.23 -37.76 -15.39
CA ALA B 274 9.31 -38.50 -16.25
C ALA B 274 8.91 -37.65 -17.45
N ASP B 275 9.04 -36.33 -17.34
CA ASP B 275 8.83 -35.39 -18.44
C ASP B 275 7.37 -35.43 -18.89
N GLN B 276 6.45 -35.13 -17.96
CA GLN B 276 5.03 -35.11 -18.26
C GLN B 276 4.25 -34.57 -17.06
N GLU B 277 2.95 -34.32 -17.27
CA GLU B 277 2.05 -33.83 -16.24
C GLU B 277 1.66 -34.99 -15.32
N LEU B 278 1.38 -34.68 -14.05
CA LEU B 278 0.97 -35.67 -13.07
C LEU B 278 -0.48 -35.42 -12.66
N MET B 279 -0.75 -34.21 -12.14
CA MET B 279 -2.01 -33.91 -11.48
C MET B 279 -2.55 -32.57 -11.98
N THR B 280 -3.89 -32.45 -11.99
CA THR B 280 -4.56 -31.20 -12.33
C THR B 280 -5.44 -30.81 -11.15
N TYR B 281 -5.44 -29.50 -10.82
CA TYR B 281 -6.17 -28.99 -9.68
C TYR B 281 -7.29 -28.08 -10.20
N SER B 282 -8.47 -28.68 -10.41
CA SER B 282 -9.60 -27.99 -11.00
C SER B 282 -10.87 -28.24 -10.19
N HIS B 283 -11.69 -27.20 -10.06
CA HIS B 283 -13.00 -27.29 -9.44
C HIS B 283 -14.01 -26.58 -10.32
N ASP B 284 -15.21 -27.16 -10.44
CA ASP B 284 -16.20 -26.71 -11.42
C ASP B 284 -16.69 -25.30 -11.11
N ASN B 285 -16.77 -24.98 -9.81
CA ASN B 285 -17.21 -23.66 -9.36
C ASN B 285 -16.21 -22.60 -9.76
N ILE B 286 -14.91 -22.96 -9.77
CA ILE B 286 -13.84 -22.03 -10.12
C ILE B 286 -13.81 -21.86 -11.63
N ILE B 287 -13.85 -20.60 -12.10
CA ILE B 287 -13.84 -20.29 -13.52
C ILE B 287 -12.82 -19.20 -13.84
N CYS B 288 -12.40 -18.42 -12.84
CA CYS B 288 -11.43 -17.36 -13.05
C CYS B 288 -10.01 -17.93 -13.00
N GLY B 289 -9.06 -17.23 -13.63
CA GLY B 289 -7.69 -17.71 -13.76
C GLY B 289 -6.89 -17.59 -12.46
N ILE B 290 -5.69 -18.17 -12.47
CA ILE B 290 -4.77 -18.12 -11.35
C ILE B 290 -3.76 -17.02 -11.60
N THR B 291 -3.52 -16.19 -10.58
CA THR B 291 -2.53 -15.12 -10.65
C THR B 291 -1.18 -15.65 -10.16
N SER B 292 -1.20 -16.40 -9.05
CA SER B 292 0.02 -16.72 -8.31
C SER B 292 -0.07 -18.13 -7.71
N VAL B 293 1.09 -18.77 -7.54
CA VAL B 293 1.19 -20.13 -7.05
C VAL B 293 2.41 -20.23 -6.12
N SER B 294 2.29 -21.03 -5.05
CA SER B 294 3.39 -21.31 -4.16
C SER B 294 3.14 -22.63 -3.41
N PHE B 295 4.22 -23.25 -2.92
CA PHE B 295 4.13 -24.49 -2.17
C PHE B 295 4.38 -24.21 -0.69
N SER B 296 3.97 -25.16 0.16
CA SER B 296 4.38 -25.21 1.56
C SER B 296 5.78 -25.81 1.65
N LYS B 297 6.36 -25.77 2.85
CA LYS B 297 7.73 -26.25 3.07
C LYS B 297 7.81 -27.74 2.75
N SER B 298 6.79 -28.51 3.18
CA SER B 298 6.71 -29.93 2.88
C SER B 298 6.45 -30.15 1.39
N GLY B 299 5.64 -29.27 0.81
CA GLY B 299 5.16 -29.43 -0.56
C GLY B 299 3.87 -30.25 -0.61
N ARG B 300 3.25 -30.45 0.56
CA ARG B 300 2.01 -31.20 0.65
C ARG B 300 0.83 -30.27 0.35
N LEU B 301 0.98 -28.98 0.66
CA LEU B 301 -0.01 -27.99 0.29
C LEU B 301 0.48 -27.21 -0.93
N LEU B 302 -0.46 -26.91 -1.84
CA LEU B 302 -0.21 -26.04 -2.98
C LEU B 302 -1.18 -24.86 -2.89
N LEU B 303 -0.63 -23.67 -2.60
CA LEU B 303 -1.44 -22.47 -2.46
C LEU B 303 -1.52 -21.78 -3.81
N ALA B 304 -2.66 -21.14 -4.09
CA ALA B 304 -2.91 -20.52 -5.38
C ALA B 304 -3.83 -19.32 -5.21
N GLY B 305 -3.37 -18.15 -5.67
CA GLY B 305 -4.20 -16.96 -5.76
C GLY B 305 -5.11 -17.04 -6.98
N TYR B 306 -6.25 -16.31 -6.93
CA TYR B 306 -7.23 -16.32 -8.00
C TYR B 306 -7.71 -14.90 -8.26
N ASP B 307 -8.54 -14.73 -9.31
CA ASP B 307 -9.12 -13.44 -9.65
C ASP B 307 -10.45 -13.24 -8.95
N ASP B 308 -10.94 -14.27 -8.22
CA ASP B 308 -12.20 -14.19 -7.50
C ASP B 308 -11.95 -13.67 -6.07
N PHE B 309 -10.76 -13.11 -5.84
CA PHE B 309 -10.46 -12.31 -4.65
C PHE B 309 -10.20 -13.23 -3.45
N ASN B 310 -9.82 -14.49 -3.69
CA ASN B 310 -9.52 -15.41 -2.61
C ASN B 310 -8.48 -16.43 -3.07
N CYS B 311 -7.62 -16.84 -2.12
CA CYS B 311 -6.63 -17.88 -2.35
C CYS B 311 -7.18 -19.21 -1.86
N ASN B 312 -6.84 -20.30 -2.56
CA ASN B 312 -7.29 -21.64 -2.21
C ASN B 312 -6.08 -22.51 -1.89
N VAL B 313 -6.30 -23.53 -1.04
CA VAL B 313 -5.25 -24.44 -0.61
C VAL B 313 -5.61 -25.84 -1.10
N TRP B 314 -4.68 -26.46 -1.85
CA TRP B 314 -4.89 -27.76 -2.46
C TRP B 314 -4.00 -28.81 -1.79
N ASP B 315 -4.55 -30.01 -1.56
CA ASP B 315 -3.75 -31.16 -1.19
C ASP B 315 -3.01 -31.61 -2.44
N ALA B 316 -1.69 -31.30 -2.49
CA ALA B 316 -0.90 -31.44 -3.69
C ALA B 316 -0.80 -32.90 -4.13
N LEU B 317 -0.99 -33.84 -3.19
CA LEU B 317 -0.87 -35.26 -3.50
C LEU B 317 -2.24 -35.84 -3.92
N LYS B 318 -3.34 -35.31 -3.36
CA LYS B 318 -4.67 -35.87 -3.60
C LYS B 318 -5.48 -35.05 -4.61
N ALA B 319 -5.19 -33.73 -4.70
CA ALA B 319 -5.92 -32.81 -5.55
C ALA B 319 -7.35 -32.61 -5.03
N ASP B 320 -7.47 -32.36 -3.73
CA ASP B 320 -8.73 -31.99 -3.10
C ASP B 320 -8.52 -30.66 -2.37
N ARG B 321 -9.49 -29.75 -2.47
CA ARG B 321 -9.42 -28.47 -1.79
C ARG B 321 -9.41 -28.71 -0.29
N ALA B 322 -8.53 -27.99 0.42
CA ALA B 322 -8.29 -28.20 1.84
C ALA B 322 -8.62 -26.95 2.65
N GLY B 323 -8.64 -25.78 2.01
CA GLY B 323 -8.90 -24.53 2.72
C GLY B 323 -9.03 -23.34 1.77
N VAL B 324 -9.51 -22.22 2.31
CA VAL B 324 -9.70 -20.99 1.56
C VAL B 324 -9.20 -19.83 2.40
N LEU B 325 -8.33 -19.00 1.81
CA LEU B 325 -7.79 -17.81 2.48
C LEU B 325 -8.53 -16.60 1.96
N ALA B 326 -9.85 -16.58 2.19
CA ALA B 326 -10.70 -15.47 1.76
C ALA B 326 -10.61 -14.34 2.78
N GLY B 327 -10.50 -13.10 2.28
CA GLY B 327 -10.22 -11.95 3.12
C GLY B 327 -10.03 -10.68 2.31
N HIS B 328 -9.30 -10.78 1.19
CA HIS B 328 -9.05 -9.66 0.31
C HIS B 328 -10.33 -9.27 -0.44
N ASP B 329 -10.43 -7.98 -0.77
CA ASP B 329 -11.60 -7.41 -1.41
C ASP B 329 -11.47 -7.47 -2.92
N ASN B 330 -10.21 -7.42 -3.41
CA ASN B 330 -9.93 -7.39 -4.84
C ASN B 330 -9.00 -8.56 -5.17
N ARG B 331 -8.56 -8.62 -6.44
CA ARG B 331 -7.76 -9.72 -6.97
C ARG B 331 -6.52 -9.97 -6.12
N VAL B 332 -6.30 -11.25 -5.77
CA VAL B 332 -5.06 -11.68 -5.14
C VAL B 332 -3.99 -11.72 -6.23
N SER B 333 -3.11 -10.70 -6.23
CA SER B 333 -2.11 -10.54 -7.28
C SER B 333 -0.94 -11.48 -7.03
N CYS B 334 -0.36 -11.42 -5.82
CA CYS B 334 0.87 -12.11 -5.49
C CYS B 334 0.71 -12.90 -4.21
N LEU B 335 1.57 -13.92 -4.04
CA LEU B 335 1.43 -14.93 -3.01
C LEU B 335 2.82 -15.53 -2.73
N GLY B 336 3.21 -15.55 -1.45
CA GLY B 336 4.53 -16.01 -1.05
C GLY B 336 4.50 -16.77 0.27
N VAL B 337 5.40 -17.75 0.40
CA VAL B 337 5.53 -18.56 1.60
C VAL B 337 6.96 -18.38 2.13
N THR B 338 7.10 -18.31 3.46
CA THR B 338 8.39 -18.11 4.09
C THR B 338 9.25 -19.35 3.90
N ASP B 339 10.56 -19.21 4.11
CA ASP B 339 11.51 -20.30 3.96
C ASP B 339 11.34 -21.30 5.09
N ASP B 340 11.14 -20.78 6.32
CA ASP B 340 10.87 -21.62 7.48
C ASP B 340 9.48 -22.25 7.36
N GLY B 341 8.64 -21.70 6.48
CA GLY B 341 7.35 -22.27 6.14
C GLY B 341 6.27 -21.85 7.14
N MET B 342 6.57 -20.81 7.93
CA MET B 342 5.78 -20.48 9.10
C MET B 342 4.53 -19.68 8.70
N ALA B 343 4.63 -18.90 7.61
CA ALA B 343 3.59 -17.95 7.26
C ALA B 343 3.39 -17.87 5.75
N VAL B 344 2.27 -17.24 5.35
CA VAL B 344 1.93 -16.99 3.96
C VAL B 344 1.57 -15.52 3.82
N ALA B 345 2.17 -14.83 2.84
CA ALA B 345 1.82 -13.44 2.56
C ALA B 345 1.01 -13.38 1.26
N THR B 346 -0.12 -12.64 1.30
CA THR B 346 -0.98 -12.48 0.14
C THR B 346 -1.17 -10.98 -0.12
N GLY B 347 -0.54 -10.48 -1.19
CA GLY B 347 -0.79 -9.13 -1.68
C GLY B 347 -2.00 -9.12 -2.60
N SER B 348 -2.62 -7.96 -2.77
CA SER B 348 -3.86 -7.84 -3.53
C SER B 348 -4.02 -6.42 -4.11
N TRP B 349 -4.96 -6.29 -5.05
CA TRP B 349 -5.27 -5.03 -5.70
C TRP B 349 -6.10 -4.13 -4.78
N ASP B 350 -6.28 -4.54 -3.52
CA ASP B 350 -6.94 -3.74 -2.51
C ASP B 350 -5.90 -2.93 -1.71
N SER B 351 -4.63 -3.03 -2.12
CA SER B 351 -3.53 -2.27 -1.53
C SER B 351 -3.28 -2.72 -0.09
N PHE B 352 -3.38 -4.04 0.15
CA PHE B 352 -3.11 -4.62 1.45
C PHE B 352 -2.37 -5.94 1.27
N LEU B 353 -1.33 -6.17 2.09
CA LEU B 353 -0.77 -7.50 2.26
C LEU B 353 -1.33 -8.08 3.55
N LYS B 354 -1.76 -9.34 3.50
CA LYS B 354 -2.20 -10.06 4.68
C LYS B 354 -1.28 -11.25 4.90
N ILE B 355 -0.82 -11.43 6.15
CA ILE B 355 0.06 -12.53 6.49
C ILE B 355 -0.75 -13.57 7.24
N TRP B 356 -0.85 -14.77 6.64
CA TRP B 356 -1.66 -15.86 7.15
C TRP B 356 -0.74 -16.88 7.83
N ASN B 357 -1.31 -17.70 8.72
CA ASN B 357 -0.55 -18.67 9.49
C ASN B 357 -1.49 -19.73 10.05
N SER C 8 13.79 -18.27 -42.11
CA SER C 8 12.57 -19.12 -42.04
C SER C 8 12.93 -20.60 -42.14
N ILE C 9 13.78 -20.94 -43.12
CA ILE C 9 14.23 -22.31 -43.32
C ILE C 9 15.16 -22.68 -42.15
N ALA C 10 16.03 -21.74 -41.77
CA ALA C 10 16.94 -21.93 -40.63
C ALA C 10 16.15 -22.05 -39.33
N GLN C 11 15.06 -21.28 -39.21
CA GLN C 11 14.20 -21.30 -38.03
C GLN C 11 13.56 -22.68 -37.88
N ALA C 12 13.04 -23.23 -38.99
CA ALA C 12 12.43 -24.55 -39.00
C ALA C 12 13.47 -25.62 -38.67
N ARG C 13 14.69 -25.44 -39.19
CA ARG C 13 15.79 -26.34 -38.91
C ARG C 13 16.15 -26.28 -37.42
N LYS C 14 16.18 -25.07 -36.86
CA LYS C 14 16.52 -24.84 -35.46
C LYS C 14 15.53 -25.56 -34.55
N LEU C 15 14.24 -25.49 -34.91
CA LEU C 15 13.18 -26.16 -34.15
C LEU C 15 13.42 -27.67 -34.13
N VAL C 16 13.79 -28.23 -35.30
CA VAL C 16 14.01 -29.66 -35.44
C VAL C 16 15.14 -30.09 -34.52
N GLU C 17 16.22 -29.28 -34.44
CA GLU C 17 17.38 -29.61 -33.64
C GLU C 17 17.01 -29.65 -32.16
N GLN C 18 16.15 -28.72 -31.73
CA GLN C 18 15.71 -28.64 -30.35
C GLN C 18 14.87 -29.87 -29.99
N LEU C 19 14.01 -30.30 -30.92
CA LEU C 19 13.11 -31.43 -30.68
C LEU C 19 13.91 -32.73 -30.60
N LYS C 20 15.00 -32.83 -31.37
CA LYS C 20 15.89 -33.97 -31.30
C LYS C 20 16.42 -34.14 -29.88
N MET C 21 16.88 -33.03 -29.27
CA MET C 21 17.49 -33.04 -27.95
C MET C 21 16.47 -33.52 -26.91
N GLU C 22 15.22 -33.05 -27.03
CA GLU C 22 14.16 -33.39 -26.09
C GLU C 22 13.76 -34.86 -26.24
N ALA C 23 13.94 -35.42 -27.44
CA ALA C 23 13.62 -36.83 -27.68
C ALA C 23 14.70 -37.74 -27.13
N ASN C 24 15.94 -37.22 -27.04
CA ASN C 24 17.10 -38.01 -26.65
C ASN C 24 17.09 -38.33 -25.15
N ILE C 25 16.47 -37.47 -24.34
CA ILE C 25 16.55 -37.59 -22.88
C ILE C 25 15.90 -38.91 -22.47
N ASP C 26 16.41 -39.48 -21.36
CA ASP C 26 15.84 -40.69 -20.78
C ASP C 26 14.74 -40.29 -19.80
N ARG C 27 13.74 -41.17 -19.66
CA ARG C 27 12.58 -40.89 -18.82
C ARG C 27 12.36 -42.05 -17.86
N ILE C 28 12.00 -41.72 -16.61
CA ILE C 28 11.66 -42.71 -15.60
C ILE C 28 10.15 -42.93 -15.65
N LYS C 29 9.68 -44.02 -15.02
CA LYS C 29 8.27 -44.33 -14.96
C LYS C 29 7.59 -43.37 -13.98
N VAL C 30 6.30 -43.09 -14.23
CA VAL C 30 5.54 -42.15 -13.41
C VAL C 30 5.40 -42.72 -12.00
N SER C 31 5.15 -44.04 -11.91
CA SER C 31 5.03 -44.73 -10.63
C SER C 31 6.16 -44.33 -9.68
N LYS C 32 7.40 -44.32 -10.20
CA LYS C 32 8.57 -43.99 -9.40
C LYS C 32 8.51 -42.53 -8.97
N ALA C 33 8.27 -41.62 -9.94
CA ALA C 33 8.22 -40.19 -9.66
C ALA C 33 7.10 -39.87 -8.67
N ALA C 34 5.96 -40.56 -8.82
CA ALA C 34 4.82 -40.40 -7.92
C ALA C 34 5.21 -40.77 -6.50
N ALA C 35 5.94 -41.89 -6.35
CA ALA C 35 6.32 -42.40 -5.04
C ALA C 35 7.32 -41.45 -4.36
N ASP C 36 8.19 -40.81 -5.17
CA ASP C 36 9.27 -39.99 -4.64
C ASP C 36 8.73 -38.65 -4.12
N LEU C 37 7.66 -38.13 -4.77
CA LEU C 37 7.00 -36.93 -4.28
C LEU C 37 6.30 -37.22 -2.96
N MET C 38 5.64 -38.39 -2.90
CA MET C 38 4.98 -38.85 -1.69
C MET C 38 6.00 -38.98 -0.56
N ALA C 39 7.12 -39.68 -0.85
CA ALA C 39 8.13 -39.98 0.14
C ALA C 39 8.67 -38.69 0.78
N TYR C 40 8.88 -37.66 -0.04
CA TYR C 40 9.42 -36.38 0.43
C TYR C 40 8.43 -35.71 1.38
N CYS C 41 7.14 -35.74 1.04
CA CYS C 41 6.11 -35.10 1.83
C CYS C 41 5.89 -35.85 3.15
N GLU C 42 6.12 -37.17 3.14
CA GLU C 42 6.05 -37.98 4.35
C GLU C 42 7.20 -37.62 5.29
N ALA C 43 8.40 -37.47 4.73
CA ALA C 43 9.61 -37.26 5.52
C ALA C 43 9.60 -35.88 6.17
N HIS C 44 9.04 -34.89 5.48
CA HIS C 44 9.09 -33.50 5.93
C HIS C 44 7.72 -33.05 6.41
N ALA C 45 6.95 -33.98 7.00
CA ALA C 45 5.60 -33.70 7.45
C ALA C 45 5.62 -32.93 8.77
N LYS C 46 6.60 -33.25 9.63
CA LYS C 46 6.70 -32.66 10.96
C LYS C 46 7.25 -31.23 10.86
N GLU C 47 8.09 -30.98 9.85
CA GLU C 47 8.75 -29.69 9.67
C GLU C 47 7.72 -28.64 9.26
N ASP C 48 6.71 -29.03 8.48
CA ASP C 48 5.75 -28.10 7.91
C ASP C 48 4.87 -27.53 9.02
N PRO C 49 4.94 -26.20 9.32
CA PRO C 49 4.09 -25.59 10.34
C PRO C 49 2.62 -25.46 9.93
N LEU C 50 2.36 -25.31 8.62
CA LEU C 50 1.02 -25.01 8.13
C LEU C 50 0.19 -26.29 8.07
N LEU C 51 0.84 -27.41 7.75
CA LEU C 51 0.17 -28.70 7.66
C LEU C 51 -0.32 -29.11 9.04
N THR C 52 0.58 -29.05 10.03
CA THR C 52 0.27 -29.40 11.41
C THR C 52 0.43 -28.15 12.28
N PRO C 53 -0.66 -27.38 12.55
CA PRO C 53 -0.56 -26.14 13.31
C PRO C 53 0.35 -26.24 14.54
N VAL C 54 1.32 -25.31 14.63
CA VAL C 54 2.30 -25.31 15.70
C VAL C 54 1.64 -24.69 16.94
N PRO C 55 2.09 -25.03 18.18
CA PRO C 55 1.62 -24.35 19.38
C PRO C 55 1.90 -22.84 19.35
N ALA C 56 1.11 -22.09 20.11
CA ALA C 56 1.11 -20.63 20.06
C ALA C 56 2.50 -20.07 20.39
N SER C 57 3.16 -20.68 21.39
CA SER C 57 4.46 -20.21 21.87
C SER C 57 5.49 -20.16 20.74
N GLU C 58 5.44 -21.15 19.83
CA GLU C 58 6.38 -21.23 18.72
C GLU C 58 6.03 -20.20 17.65
N ASN C 59 4.72 -20.07 17.34
CA ASN C 59 4.23 -19.13 16.35
C ASN C 59 4.71 -17.73 16.71
N PRO C 60 5.47 -17.03 15.83
CA PRO C 60 5.88 -15.64 16.09
C PRO C 60 4.84 -14.59 15.70
N PHE C 61 3.74 -15.03 15.05
CA PHE C 61 2.66 -14.15 14.66
C PHE C 61 1.49 -14.31 15.63
N ARG C 62 1.75 -14.04 16.91
CA ARG C 62 0.73 -14.09 17.95
C ARG C 62 0.09 -12.72 18.10
N GLU C 63 -1.25 -12.68 18.03
CA GLU C 63 -1.99 -11.45 18.25
N ASP D 1 31.69 10.31 1.63
CA ASP D 1 32.68 10.24 2.74
C ASP D 1 32.06 10.87 3.99
N VAL D 2 31.68 10.00 4.95
CA VAL D 2 30.98 10.44 6.16
C VAL D 2 31.99 11.15 7.05
N GLN D 3 31.62 12.36 7.51
CA GLN D 3 32.40 13.08 8.51
C GLN D 3 31.48 13.98 9.33
N LEU D 4 31.85 14.18 10.60
CA LEU D 4 31.14 15.05 11.53
C LEU D 4 32.16 15.96 12.21
N VAL D 5 32.20 17.23 11.82
CA VAL D 5 33.15 18.18 12.38
C VAL D 5 32.39 19.04 13.41
N GLU D 6 32.86 19.00 14.67
CA GLU D 6 32.28 19.79 15.74
C GLU D 6 33.05 21.10 15.87
N SER D 7 32.37 22.13 16.38
CA SER D 7 32.99 23.43 16.62
C SER D 7 32.24 24.18 17.72
N GLY D 8 32.94 25.12 18.37
CA GLY D 8 32.36 25.98 19.38
C GLY D 8 32.91 25.69 20.79
N GLY D 9 34.15 25.19 20.86
CA GLY D 9 34.78 24.86 22.12
C GLY D 9 35.92 25.84 22.45
N GLY D 10 36.12 26.09 23.75
CA GLY D 10 37.17 26.98 24.21
C GLY D 10 37.14 27.15 25.73
N LEU D 11 37.77 28.22 26.22
CA LEU D 11 37.84 28.51 27.64
C LEU D 11 36.65 29.40 28.02
N VAL D 12 35.75 28.85 28.85
CA VAL D 12 34.56 29.54 29.29
C VAL D 12 34.67 29.76 30.81
N GLN D 13 34.16 30.91 31.28
CA GLN D 13 34.18 31.24 32.70
C GLN D 13 32.97 30.60 33.37
N PRO D 14 33.06 30.16 34.65
CA PRO D 14 32.01 29.34 35.25
C PRO D 14 30.67 30.07 35.40
N GLY D 15 29.58 29.34 35.15
CA GLY D 15 28.23 29.89 35.22
C GLY D 15 27.83 30.60 33.94
N GLY D 16 28.64 30.44 32.88
CA GLY D 16 28.40 31.12 31.61
C GLY D 16 27.49 30.29 30.70
N SER D 17 27.63 30.51 29.38
CA SER D 17 26.87 29.77 28.38
C SER D 17 27.67 29.71 27.08
N ARG D 18 27.52 28.59 26.35
CA ARG D 18 28.18 28.38 25.07
C ARG D 18 27.35 27.39 24.25
N LYS D 19 27.39 27.55 22.92
CA LYS D 19 26.71 26.63 22.01
C LYS D 19 27.75 25.89 21.18
N LEU D 20 27.56 24.57 21.03
CA LEU D 20 28.38 23.74 20.17
C LEU D 20 27.62 23.52 18.85
N SER D 21 28.38 23.26 17.78
CA SER D 21 27.82 23.06 16.45
C SER D 21 28.54 21.91 15.75
N CYS D 22 27.76 20.87 15.39
CA CYS D 22 28.28 19.67 14.77
C CYS D 22 27.80 19.60 13.32
N SER D 23 28.66 20.07 12.39
CA SER D 23 28.32 20.13 10.98
C SER D 23 28.46 18.75 10.34
N ALA D 24 27.48 18.38 9.51
CA ALA D 24 27.42 17.07 8.90
C ALA D 24 27.61 17.18 7.39
N SER D 25 28.33 16.21 6.80
CA SER D 25 28.54 16.16 5.36
C SER D 25 28.84 14.73 4.93
N GLY D 26 28.06 14.24 3.95
CA GLY D 26 28.34 12.97 3.29
C GLY D 26 27.41 11.85 3.75
N PHE D 27 26.22 12.20 4.26
CA PHE D 27 25.19 11.21 4.58
C PHE D 27 23.86 11.92 4.79
N ALA D 28 22.77 11.15 4.75
CA ALA D 28 21.42 11.67 4.92
C ALA D 28 21.19 12.04 6.39
N PHE D 29 21.66 13.24 6.77
CA PHE D 29 21.62 13.70 8.14
C PHE D 29 20.19 13.71 8.67
N SER D 30 19.23 14.06 7.80
CA SER D 30 17.82 14.09 8.15
C SER D 30 17.39 12.78 8.82
N SER D 31 17.79 11.64 8.24
CA SER D 31 17.33 10.33 8.66
C SER D 31 18.38 9.66 9.53
N PHE D 32 18.80 10.33 10.61
CA PHE D 32 19.76 9.80 11.56
C PHE D 32 19.55 10.48 12.91
N GLY D 33 19.10 9.70 13.90
CA GLY D 33 19.11 10.15 15.28
C GLY D 33 20.53 10.50 15.72
N MET D 34 20.67 11.59 16.47
CA MET D 34 21.98 12.09 16.85
C MET D 34 22.13 12.05 18.36
N HIS D 35 23.38 11.85 18.83
CA HIS D 35 23.70 11.83 20.24
C HIS D 35 24.82 12.82 20.53
N TRP D 36 24.95 13.23 21.80
CA TRP D 36 26.14 13.88 22.30
C TRP D 36 26.75 13.02 23.40
N VAL D 37 28.08 12.84 23.35
CA VAL D 37 28.79 12.03 24.32
C VAL D 37 30.05 12.80 24.74
N ARG D 38 30.22 13.03 26.04
CA ARG D 38 31.35 13.79 26.55
C ARG D 38 32.45 12.84 26.99
N GLN D 39 33.64 13.39 27.26
CA GLN D 39 34.73 12.64 27.87
C GLN D 39 35.62 13.61 28.66
N ALA D 40 35.64 13.44 29.99
CA ALA D 40 36.41 14.30 30.87
C ALA D 40 37.90 14.06 30.66
N PRO D 41 38.81 15.01 30.98
CA PRO D 41 40.22 14.93 30.60
C PRO D 41 40.85 13.54 30.64
N GLU D 42 40.69 12.82 31.77
CA GLU D 42 41.30 11.51 31.95
C GLU D 42 40.29 10.55 32.57
N LYS D 43 39.09 10.49 31.96
CA LYS D 43 38.01 9.62 32.42
C LYS D 43 37.37 8.96 31.20
N GLY D 44 36.40 8.06 31.46
CA GLY D 44 35.71 7.34 30.41
C GLY D 44 34.64 8.20 29.73
N LEU D 45 33.74 7.53 28.99
CA LEU D 45 32.72 8.19 28.19
C LEU D 45 31.47 8.36 29.04
N GLU D 46 30.72 9.44 28.76
CA GLU D 46 29.47 9.73 29.46
C GLU D 46 28.48 10.31 28.44
N TRP D 47 27.30 9.68 28.33
CA TRP D 47 26.27 10.10 27.41
C TRP D 47 25.58 11.36 27.96
N VAL D 48 25.19 12.27 27.04
CA VAL D 48 24.68 13.57 27.42
C VAL D 48 23.23 13.70 26.96
N ALA D 49 23.01 13.68 25.64
CA ALA D 49 21.71 14.01 25.07
C ALA D 49 21.48 13.25 23.77
N TYR D 50 20.21 13.11 23.38
CA TYR D 50 19.82 12.48 22.14
C TYR D 50 18.69 13.28 21.50
N ILE D 51 18.65 13.29 20.16
CA ILE D 51 17.54 13.83 19.39
C ILE D 51 17.29 12.91 18.20
N SER D 52 16.02 12.54 18.01
CA SER D 52 15.64 11.55 17.00
C SER D 52 15.53 12.20 15.63
N SER D 53 15.37 11.37 14.60
CA SER D 53 14.96 11.83 13.28
C SER D 53 13.53 12.37 13.37
N GLY D 54 13.32 13.60 12.88
CA GLY D 54 12.05 14.29 12.98
C GLY D 54 11.99 15.22 14.18
N SER D 55 13.05 15.21 15.01
CA SER D 55 13.14 16.01 16.23
C SER D 55 11.95 15.73 17.14
N GLY D 56 11.40 14.52 17.07
CA GLY D 56 10.14 14.18 17.73
C GLY D 56 10.34 13.54 19.10
N THR D 57 11.60 13.26 19.45
CA THR D 57 11.93 12.64 20.73
C THR D 57 13.28 13.18 21.20
N ILE D 58 13.34 13.63 22.46
CA ILE D 58 14.58 14.13 23.05
C ILE D 58 14.72 13.53 24.45
N TYR D 59 15.97 13.19 24.83
CA TYR D 59 16.30 12.78 26.18
C TYR D 59 17.55 13.53 26.64
N TYR D 60 17.79 13.55 27.96
CA TYR D 60 18.99 14.14 28.53
C TYR D 60 19.46 13.28 29.71
N ALA D 61 20.75 13.43 30.04
CA ALA D 61 21.29 12.91 31.29
C ALA D 61 20.77 13.76 32.45
N ASP D 62 20.81 13.19 33.66
CA ASP D 62 20.26 13.85 34.84
C ASP D 62 21.16 15.00 35.29
N THR D 63 22.45 14.95 34.91
CA THR D 63 23.41 15.96 35.34
C THR D 63 23.21 17.26 34.57
N VAL D 64 22.59 17.18 33.37
CA VAL D 64 22.50 18.32 32.48
C VAL D 64 21.04 18.78 32.32
N LYS D 65 20.08 18.00 32.82
CA LYS D 65 18.67 18.23 32.52
C LYS D 65 18.26 19.60 33.05
N GLY D 66 17.71 20.44 32.15
CA GLY D 66 17.37 21.82 32.47
C GLY D 66 18.43 22.79 31.95
N ARG D 67 19.71 22.43 32.12
CA ARG D 67 20.81 23.30 31.76
C ARG D 67 21.04 23.26 30.25
N PHE D 68 21.25 22.04 29.71
CA PHE D 68 21.64 21.87 28.32
C PHE D 68 20.37 21.68 27.46
N THR D 69 20.46 22.08 26.19
CA THR D 69 19.36 21.92 25.24
C THR D 69 19.93 21.52 23.88
N ILE D 70 19.33 20.48 23.28
CA ILE D 70 19.78 19.94 22.01
C ILE D 70 18.75 20.30 20.93
N SER D 71 19.25 20.61 19.73
CA SER D 71 18.39 20.96 18.60
C SER D 71 19.15 20.74 17.29
N ARG D 72 18.39 20.47 16.21
CA ARG D 72 18.98 20.17 14.91
C ARG D 72 18.34 21.06 13.84
N ASP D 73 19.14 21.42 12.84
CA ASP D 73 18.69 22.18 11.68
C ASP D 73 18.94 21.32 10.44
N ASP D 74 17.91 20.55 10.03
CA ASP D 74 18.05 19.56 8.99
C ASP D 74 18.46 20.21 7.66
N PRO D 75 17.81 21.30 7.18
CA PRO D 75 18.24 21.97 5.94
C PRO D 75 19.74 22.28 5.87
N LYS D 76 20.32 22.75 6.98
CA LYS D 76 21.71 23.18 7.01
C LYS D 76 22.64 22.04 7.45
N ASN D 77 22.06 20.89 7.82
CA ASN D 77 22.83 19.73 8.26
C ASN D 77 23.79 20.15 9.38
N THR D 78 23.23 20.58 10.52
CA THR D 78 24.03 20.96 11.67
C THR D 78 23.25 20.63 12.94
N LEU D 79 23.98 20.10 13.93
CA LEU D 79 23.43 19.76 15.24
C LEU D 79 23.96 20.76 16.25
N PHE D 80 23.12 21.13 17.24
CA PHE D 80 23.46 22.14 18.22
C PHE D 80 23.27 21.61 19.64
N LEU D 81 24.09 22.12 20.57
CA LEU D 81 23.92 21.86 21.99
C LEU D 81 24.06 23.18 22.75
N GLN D 82 22.92 23.80 23.08
CA GLN D 82 22.91 25.05 23.82
C GLN D 82 23.08 24.75 25.31
N MET D 83 24.28 25.04 25.83
CA MET D 83 24.61 24.78 27.22
C MET D 83 24.48 26.08 28.02
N THR D 84 23.91 25.97 29.23
CA THR D 84 23.74 27.11 30.12
C THR D 84 24.21 26.72 31.52
N SER D 85 24.61 27.73 32.31
CA SER D 85 25.03 27.53 33.69
C SER D 85 26.09 26.44 33.77
N LEU D 86 27.27 26.72 33.17
CA LEU D 86 28.33 25.73 33.05
C LEU D 86 29.05 25.58 34.40
N ARG D 87 29.49 24.34 34.67
CA ARG D 87 30.14 23.99 35.92
C ARG D 87 31.55 23.47 35.60
N SER D 88 32.38 23.34 36.64
CA SER D 88 33.73 22.80 36.50
C SER D 88 33.69 21.29 36.27
N GLU D 89 32.49 20.69 36.35
CA GLU D 89 32.27 19.29 35.98
C GLU D 89 32.29 19.14 34.46
N ASP D 90 31.74 20.14 33.75
CA ASP D 90 31.43 20.01 32.33
C ASP D 90 32.69 19.98 31.46
N THR D 91 33.82 20.45 32.00
CA THR D 91 35.10 20.42 31.29
C THR D 91 35.30 19.02 30.70
N ALA D 92 35.17 18.92 29.37
CA ALA D 92 35.22 17.65 28.67
C ALA D 92 35.36 17.86 27.16
N MET D 93 35.81 16.81 26.46
CA MET D 93 35.72 16.72 25.02
C MET D 93 34.33 16.21 24.66
N TYR D 94 33.61 16.96 23.80
CA TYR D 94 32.25 16.61 23.43
C TYR D 94 32.24 16.01 22.03
N TYR D 95 31.81 14.75 21.92
CA TYR D 95 31.74 14.05 20.65
C TYR D 95 30.31 14.09 20.13
N CYS D 96 30.18 13.98 18.80
CA CYS D 96 28.90 14.07 18.12
C CYS D 96 28.72 12.79 17.30
N VAL D 97 27.71 11.99 17.67
CA VAL D 97 27.58 10.62 17.21
C VAL D 97 26.26 10.45 16.46
N ARG D 98 26.30 9.72 15.34
CA ARG D 98 25.10 9.42 14.58
C ARG D 98 24.59 8.03 14.97
N SER D 99 23.28 7.80 14.80
CA SER D 99 22.66 6.53 15.11
C SER D 99 21.34 6.41 14.34
N ILE D 100 21.17 5.28 13.65
CA ILE D 100 19.95 5.02 12.91
C ILE D 100 19.30 3.75 13.48
N TYR D 101 17.98 3.77 13.64
CA TYR D 101 17.28 2.70 14.33
C TYR D 101 16.19 2.14 13.41
N TYR D 102 16.48 0.96 12.84
CA TYR D 102 15.49 0.12 12.18
C TYR D 102 15.92 -1.32 12.40
N TYR D 103 15.10 -2.29 11.94
CA TYR D 103 15.40 -3.69 12.15
C TYR D 103 16.73 -4.03 11.47
N GLY D 104 17.73 -4.38 12.28
CA GLY D 104 19.02 -4.84 11.78
C GLY D 104 19.92 -3.68 11.36
N SER D 105 19.74 -2.51 11.99
CA SER D 105 20.60 -1.37 11.76
C SER D 105 21.86 -1.50 12.62
N SER D 106 22.82 -0.59 12.42
CA SER D 106 24.02 -0.52 13.23
C SER D 106 24.12 0.85 13.90
N PRO D 107 23.46 1.06 15.07
CA PRO D 107 23.56 2.35 15.78
C PRO D 107 24.95 2.65 16.31
N PHE D 108 25.20 3.93 16.59
CA PHE D 108 26.46 4.42 17.15
C PHE D 108 27.62 4.06 16.23
N ASP D 109 27.41 4.16 14.91
CA ASP D 109 28.35 3.63 13.93
C ASP D 109 29.50 4.61 13.71
N PHE D 110 29.19 5.89 13.48
CA PHE D 110 30.21 6.88 13.20
C PHE D 110 30.23 7.96 14.28
N TRP D 111 31.43 8.24 14.79
CA TRP D 111 31.67 9.28 15.77
C TRP D 111 32.44 10.43 15.13
N GLY D 112 32.16 11.67 15.58
CA GLY D 112 32.92 12.83 15.15
C GLY D 112 34.28 12.89 15.84
N GLN D 113 35.06 13.93 15.51
CA GLN D 113 36.42 14.06 16.04
C GLN D 113 36.38 14.71 17.42
N GLY D 114 35.43 15.64 17.62
CA GLY D 114 35.15 16.19 18.94
C GLY D 114 35.68 17.62 19.08
N THR D 115 35.27 18.29 20.16
CA THR D 115 35.68 19.64 20.46
C THR D 115 35.87 19.78 21.98
N THR D 116 36.94 20.48 22.37
CA THR D 116 37.35 20.56 23.76
C THR D 116 36.69 21.79 24.41
N LEU D 117 35.86 21.54 25.43
CA LEU D 117 35.31 22.58 26.28
C LEU D 117 36.10 22.59 27.59
N THR D 118 36.52 23.78 28.03
CA THR D 118 37.21 23.94 29.30
C THR D 118 36.48 25.02 30.11
N VAL D 119 36.02 24.64 31.30
CA VAL D 119 35.38 25.56 32.22
C VAL D 119 36.37 25.81 33.37
N SER D 120 36.86 27.05 33.47
CA SER D 120 37.84 27.42 34.48
C SER D 120 37.22 27.31 35.87
N SER D 121 38.04 26.87 36.85
CA SER D 121 37.58 26.69 38.21
C SER D 121 37.41 28.05 38.91
N SER D 136 18.07 3.84 39.54
CA SER D 136 17.38 3.17 38.39
C SER D 136 18.32 2.99 37.19
N ASP D 137 19.52 3.59 37.26
CA ASP D 137 20.47 3.56 36.15
C ASP D 137 21.21 2.22 36.15
N ILE D 138 21.49 1.70 34.95
CA ILE D 138 22.18 0.42 34.81
C ILE D 138 23.67 0.69 34.95
N VAL D 139 24.32 -0.01 35.89
CA VAL D 139 25.73 0.18 36.17
C VAL D 139 26.51 -0.89 35.42
N MET D 140 27.22 -0.48 34.37
CA MET D 140 28.15 -1.34 33.65
C MET D 140 29.49 -1.34 34.39
N THR D 141 30.11 -2.51 34.52
CA THR D 141 31.33 -2.65 35.30
C THR D 141 32.36 -3.44 34.49
N GLN D 142 33.54 -2.83 34.30
CA GLN D 142 34.71 -3.52 33.80
C GLN D 142 35.73 -3.57 34.94
N ALA D 143 35.92 -4.78 35.51
CA ALA D 143 36.78 -4.95 36.68
C ALA D 143 38.23 -4.63 36.33
N THR D 144 38.68 -5.12 35.17
CA THR D 144 40.04 -4.91 34.71
C THR D 144 40.16 -3.47 34.17
N SER D 145 41.05 -2.68 34.80
CA SER D 145 41.34 -1.32 34.36
C SER D 145 42.34 -1.36 33.20
N SER D 146 43.37 -2.21 33.33
CA SER D 146 44.37 -2.39 32.30
C SER D 146 44.92 -3.81 32.36
N VAL D 147 45.37 -4.32 31.20
CA VAL D 147 45.92 -5.67 31.09
C VAL D 147 47.02 -5.64 30.02
N PRO D 148 48.27 -6.07 30.33
CA PRO D 148 49.34 -6.12 29.33
C PRO D 148 49.16 -7.31 28.38
N VAL D 149 49.52 -7.10 27.10
CA VAL D 149 49.30 -8.07 26.06
C VAL D 149 50.56 -8.18 25.19
N THR D 150 50.71 -9.33 24.51
CA THR D 150 51.79 -9.54 23.56
C THR D 150 51.19 -9.63 22.16
N PRO D 151 51.69 -8.85 21.17
CA PRO D 151 51.22 -8.96 19.79
C PRO D 151 51.28 -10.39 19.26
N GLY D 152 50.16 -10.88 18.71
CA GLY D 152 50.06 -12.23 18.17
C GLY D 152 49.16 -13.13 19.01
N GLU D 153 49.04 -12.84 20.31
CA GLU D 153 48.29 -13.67 21.24
C GLU D 153 46.81 -13.32 21.15
N SER D 154 45.98 -13.99 21.97
CA SER D 154 44.58 -13.67 22.13
C SER D 154 44.31 -13.13 23.53
N VAL D 155 43.34 -12.22 23.65
CA VAL D 155 42.96 -11.64 24.93
C VAL D 155 41.42 -11.58 24.99
N SER D 156 40.88 -11.55 26.22
CA SER D 156 39.45 -11.40 26.44
C SER D 156 39.19 -10.23 27.39
N ILE D 157 38.23 -9.37 27.02
CA ILE D 157 37.77 -8.28 27.86
C ILE D 157 36.43 -8.70 28.48
N SER D 158 36.21 -8.33 29.74
CA SER D 158 35.00 -8.69 30.46
C SER D 158 34.24 -7.44 30.88
N CYS D 159 32.93 -7.43 30.59
CA CYS D 159 32.03 -6.36 31.00
C CYS D 159 30.81 -6.99 31.69
N ARG D 160 30.54 -6.56 32.93
CA ARG D 160 29.40 -7.05 33.69
C ARG D 160 28.30 -5.99 33.70
N SER D 161 27.08 -6.42 34.05
CA SER D 161 25.93 -5.54 34.11
C SER D 161 25.19 -5.72 35.44
N SER D 162 24.52 -4.65 35.90
CA SER D 162 23.68 -4.70 37.08
C SER D 162 22.34 -5.33 36.76
N LYS D 163 21.84 -5.06 35.54
CA LYS D 163 20.55 -5.54 35.09
C LYS D 163 20.75 -6.36 33.81
N SER D 164 19.92 -7.40 33.64
CA SER D 164 19.99 -8.25 32.46
C SER D 164 19.59 -7.45 31.22
N LEU D 165 20.47 -7.43 30.21
CA LEU D 165 20.29 -6.59 29.03
C LEU D 165 19.52 -7.35 27.94
N LEU D 166 19.21 -8.63 28.20
CA LEU D 166 18.35 -9.39 27.31
C LEU D 166 16.92 -8.89 27.43
N HIS D 167 16.26 -8.70 26.29
CA HIS D 167 14.87 -8.29 26.22
C HIS D 167 14.03 -9.47 25.74
N SER D 168 12.71 -9.38 25.92
CA SER D 168 11.77 -10.41 25.52
C SER D 168 11.88 -10.71 24.02
N ASN D 169 12.11 -9.67 23.20
CA ASN D 169 12.23 -9.82 21.76
C ASN D 169 13.43 -10.72 21.41
N GLY D 170 14.45 -10.72 22.27
CA GLY D 170 15.59 -11.62 22.14
C GLY D 170 16.85 -10.91 21.66
N ASN D 171 16.90 -9.57 21.84
CA ASN D 171 18.06 -8.78 21.47
C ASN D 171 18.77 -8.32 22.75
N THR D 172 20.02 -8.77 22.93
CA THR D 172 20.82 -8.36 24.07
C THR D 172 21.56 -7.08 23.70
N TYR D 173 21.02 -5.93 24.17
CA TYR D 173 21.54 -4.63 23.78
C TYR D 173 22.80 -4.31 24.58
N LEU D 174 23.94 -4.79 24.08
CA LEU D 174 25.24 -4.48 24.66
C LEU D 174 26.21 -4.17 23.52
N TYR D 175 26.84 -2.98 23.58
CA TYR D 175 27.70 -2.50 22.52
C TYR D 175 29.15 -2.51 23.00
N TRP D 176 30.08 -2.45 22.04
CA TRP D 176 31.51 -2.36 22.33
C TRP D 176 32.13 -1.26 21.47
N PHE D 177 33.10 -0.52 22.05
CA PHE D 177 33.77 0.57 21.36
C PHE D 177 35.27 0.48 21.62
N LEU D 178 36.06 1.09 20.72
CA LEU D 178 37.50 1.19 20.87
C LEU D 178 37.92 2.62 20.58
N GLN D 179 38.65 3.22 21.54
CA GLN D 179 39.23 4.54 21.37
C GLN D 179 40.75 4.40 21.36
N ARG D 180 41.34 4.40 20.15
CA ARG D 180 42.77 4.31 19.98
C ARG D 180 43.42 5.60 20.50
N PRO D 181 44.71 5.58 20.94
CA PRO D 181 45.35 6.80 21.44
C PRO D 181 45.28 7.96 20.47
N GLY D 182 44.67 9.07 20.91
CA GLY D 182 44.58 10.29 20.13
C GLY D 182 43.62 10.16 18.94
N GLN D 183 42.51 9.44 19.15
CA GLN D 183 41.52 9.21 18.11
C GLN D 183 40.13 9.20 18.74
N SER D 184 39.09 9.24 17.89
CA SER D 184 37.70 9.16 18.32
C SER D 184 37.29 7.70 18.50
N PRO D 185 36.40 7.37 19.47
CA PRO D 185 35.87 6.00 19.58
C PRO D 185 35.29 5.44 18.28
N GLN D 186 35.55 4.16 18.05
CA GLN D 186 35.07 3.42 16.88
C GLN D 186 34.21 2.25 17.34
N LEU D 187 33.07 2.05 16.68
CA LEU D 187 32.18 0.93 16.99
C LEU D 187 32.85 -0.37 16.54
N LEU D 188 32.76 -1.41 17.39
CA LEU D 188 33.26 -2.73 17.06
C LEU D 188 32.08 -3.69 16.93
N ILE D 189 31.29 -3.84 18.00
CA ILE D 189 30.25 -4.85 18.05
C ILE D 189 28.97 -4.21 18.59
N TYR D 190 27.84 -4.54 17.95
CA TYR D 190 26.53 -4.03 18.34
C TYR D 190 25.63 -5.22 18.67
N ARG D 191 24.80 -5.05 19.70
CA ARG D 191 23.91 -6.08 20.22
C ARG D 191 24.69 -7.36 20.49
N MET D 192 25.72 -7.25 21.34
CA MET D 192 26.44 -8.38 21.94
C MET D 192 27.31 -9.11 20.91
N SER D 193 26.73 -9.52 19.77
CA SER D 193 27.38 -10.44 18.85
C SER D 193 27.70 -9.79 17.51
N ASN D 194 26.74 -9.03 16.96
CA ASN D 194 26.82 -8.57 15.58
C ASN D 194 28.01 -7.62 15.40
N LEU D 195 28.92 -8.00 14.48
CA LEU D 195 30.14 -7.25 14.23
C LEU D 195 29.86 -6.09 13.28
N ALA D 196 30.53 -4.95 13.50
CA ALA D 196 30.33 -3.76 12.69
C ALA D 196 31.17 -3.85 11.41
N SER D 197 30.82 -3.00 10.43
CA SER D 197 31.49 -2.97 9.14
C SER D 197 32.86 -2.31 9.28
N GLY D 198 33.84 -2.83 8.52
CA GLY D 198 35.20 -2.32 8.54
C GLY D 198 35.95 -2.73 9.81
N VAL D 199 35.50 -3.84 10.42
CA VAL D 199 36.13 -4.39 11.61
C VAL D 199 36.61 -5.80 11.25
N PRO D 200 37.89 -6.16 11.51
CA PRO D 200 38.36 -7.51 11.18
C PRO D 200 37.66 -8.59 12.00
N ASP D 201 37.68 -9.82 11.49
CA ASP D 201 36.95 -10.94 12.09
C ASP D 201 37.67 -11.45 13.33
N ARG D 202 38.85 -10.87 13.62
CA ARG D 202 39.62 -11.19 14.82
C ARG D 202 38.80 -10.84 16.07
N PHE D 203 38.09 -9.71 16.03
CA PHE D 203 37.21 -9.29 17.11
C PHE D 203 35.97 -10.18 17.12
N SER D 204 35.56 -10.62 18.32
CA SER D 204 34.37 -11.44 18.49
C SER D 204 33.74 -11.17 19.85
N GLY D 205 32.41 -11.25 19.91
CA GLY D 205 31.65 -10.88 21.10
C GLY D 205 30.62 -11.95 21.46
N SER D 206 30.57 -12.30 22.76
CA SER D 206 29.66 -13.30 23.26
C SER D 206 29.35 -13.00 24.73
N GLY D 207 28.25 -13.57 25.24
CA GLY D 207 27.89 -13.42 26.64
C GLY D 207 26.49 -13.94 26.94
N SER D 208 26.02 -13.61 28.16
CA SER D 208 24.72 -14.04 28.66
C SER D 208 23.84 -12.79 28.90
N GLY D 209 23.04 -12.82 29.97
CA GLY D 209 22.18 -11.70 30.33
C GLY D 209 22.97 -10.54 30.93
N THR D 210 23.88 -10.85 31.86
CA THR D 210 24.67 -9.84 32.57
C THR D 210 26.15 -9.99 32.22
N ALA D 211 26.63 -11.22 32.03
CA ALA D 211 28.01 -11.48 31.70
C ALA D 211 28.23 -11.22 30.20
N PHE D 212 29.36 -10.57 29.87
CA PHE D 212 29.74 -10.32 28.49
C PHE D 212 31.25 -10.47 28.35
N THR D 213 31.69 -10.85 27.15
CA THR D 213 33.11 -11.07 26.87
C THR D 213 33.41 -10.64 25.43
N LEU D 214 34.39 -9.75 25.28
CA LEU D 214 34.94 -9.38 23.98
C LEU D 214 36.26 -10.11 23.79
N THR D 215 36.28 -11.09 22.88
CA THR D 215 37.46 -11.91 22.66
C THR D 215 38.19 -11.40 21.41
N ILE D 216 39.39 -10.84 21.62
CA ILE D 216 40.23 -10.33 20.55
C ILE D 216 41.33 -11.36 20.29
N SER D 217 41.44 -11.83 19.05
CA SER D 217 42.44 -12.82 18.66
C SER D 217 43.50 -12.18 17.77
N ARG D 218 44.69 -12.78 17.75
CA ARG D 218 45.81 -12.31 16.94
C ARG D 218 46.00 -10.81 17.15
N LEU D 219 46.45 -10.45 18.36
CA LEU D 219 46.61 -9.07 18.76
C LEU D 219 47.55 -8.35 17.79
N GLU D 220 47.08 -7.21 17.27
CA GLU D 220 47.86 -6.36 16.38
C GLU D 220 48.34 -5.15 17.17
N ALA D 221 49.40 -4.50 16.68
CA ALA D 221 49.96 -3.31 17.32
C ALA D 221 48.99 -2.14 17.25
N GLU D 222 48.00 -2.21 16.36
CA GLU D 222 47.03 -1.14 16.16
C GLU D 222 45.81 -1.33 17.08
N ASP D 223 45.73 -2.48 17.75
CA ASP D 223 44.58 -2.82 18.60
C ASP D 223 44.71 -2.17 19.98
N VAL D 224 45.92 -1.69 20.33
CA VAL D 224 46.14 -1.05 21.63
C VAL D 224 45.21 0.16 21.73
N GLY D 225 44.60 0.33 22.91
CA GLY D 225 43.61 1.37 23.14
C GLY D 225 42.66 0.98 24.27
N VAL D 226 41.65 1.83 24.51
CA VAL D 226 40.70 1.64 25.61
C VAL D 226 39.41 1.07 25.03
N TYR D 227 38.88 0.03 25.68
CA TYR D 227 37.69 -0.67 25.21
C TYR D 227 36.54 -0.40 26.18
N TYR D 228 35.48 0.24 25.68
CA TYR D 228 34.32 0.58 26.48
C TYR D 228 33.16 -0.33 26.12
N CYS D 229 32.25 -0.55 27.08
CA CYS D 229 31.03 -1.32 26.87
C CYS D 229 29.83 -0.47 27.28
N MET D 230 28.81 -0.40 26.41
CA MET D 230 27.68 0.48 26.58
C MET D 230 26.38 -0.33 26.44
N GLN D 231 25.41 -0.05 27.31
CA GLN D 231 24.09 -0.65 27.21
C GLN D 231 23.19 0.29 26.42
N HIS D 232 22.21 -0.29 25.70
CA HIS D 232 21.19 0.49 25.00
C HIS D 232 19.84 -0.18 25.22
N LEU D 233 19.60 -0.64 26.44
CA LEU D 233 18.33 -1.25 26.82
C LEU D 233 17.33 -0.14 27.13
N GLU D 234 17.78 0.89 27.86
CA GLU D 234 16.93 1.99 28.27
C GLU D 234 17.78 3.23 28.53
N TYR D 235 17.18 4.40 28.31
CA TYR D 235 17.83 5.67 28.62
C TYR D 235 17.76 5.90 30.13
N PRO D 236 18.80 6.44 30.81
CA PRO D 236 20.02 6.93 30.15
C PRO D 236 20.96 5.81 29.70
N LEU D 237 21.69 6.08 28.61
CA LEU D 237 22.65 5.13 28.07
C LEU D 237 23.93 5.27 28.89
N THR D 238 24.41 4.15 29.44
CA THR D 238 25.52 4.18 30.38
C THR D 238 26.70 3.39 29.82
N PHE D 239 27.91 3.94 30.02
CA PHE D 239 29.15 3.32 29.58
C PHE D 239 29.84 2.69 30.79
N GLY D 240 30.87 1.86 30.51
CA GLY D 240 31.70 1.29 31.55
C GLY D 240 32.84 2.23 31.93
N ALA D 241 33.85 1.68 32.64
CA ALA D 241 35.03 2.43 33.04
C ALA D 241 36.06 2.43 31.92
N GLY D 242 36.23 1.28 31.26
CA GLY D 242 37.13 1.13 30.13
C GLY D 242 38.36 0.30 30.49
N THR D 243 38.71 -0.64 29.60
CA THR D 243 39.88 -1.49 29.78
C THR D 243 40.92 -1.12 28.73
N LYS D 244 42.13 -0.77 29.19
CA LYS D 244 43.19 -0.30 28.32
C LYS D 244 44.14 -1.45 28.01
N LEU D 245 44.33 -1.73 26.71
CA LEU D 245 45.35 -2.68 26.28
C LEU D 245 46.67 -1.93 26.14
N GLU D 246 47.77 -2.61 26.47
CA GLU D 246 49.10 -2.02 26.51
C GLU D 246 50.14 -3.09 26.18
N LEU D 247 51.32 -2.65 25.72
CA LEU D 247 52.38 -3.51 25.24
C LEU D 247 51.88 -4.30 24.02
N PRO E 34 -52.29 3.37 29.52
CA PRO E 34 -51.78 3.64 28.16
C PRO E 34 -52.81 4.38 27.32
N ASP E 35 -52.57 5.68 27.11
CA ASP E 35 -53.45 6.51 26.30
C ASP E 35 -53.22 6.20 24.83
N TRP E 36 -54.25 6.43 24.00
CA TRP E 36 -54.17 6.23 22.56
C TRP E 36 -53.12 7.14 21.94
N LYS E 37 -52.82 8.28 22.58
CA LYS E 37 -51.74 9.15 22.15
C LYS E 37 -50.41 8.45 22.40
N SER E 38 -50.17 8.06 23.67
CA SER E 38 -48.92 7.43 24.09
C SER E 38 -48.62 6.19 23.24
N SER E 39 -49.68 5.45 22.88
CA SER E 39 -49.56 4.23 22.09
C SER E 39 -48.86 4.50 20.76
N LEU E 40 -49.20 5.63 20.10
CA LEU E 40 -48.61 5.96 18.81
C LEU E 40 -47.14 6.28 18.97
N ILE E 41 -46.78 7.04 20.02
CA ILE E 41 -45.40 7.39 20.29
C ILE E 41 -44.62 6.12 20.66
N LEU E 42 -45.29 5.22 21.42
CA LEU E 42 -44.73 3.94 21.81
C LEU E 42 -44.34 3.13 20.58
N MET E 43 -45.28 3.00 19.63
CA MET E 43 -45.07 2.20 18.44
C MET E 43 -43.98 2.82 17.57
N ALA E 44 -43.98 4.16 17.46
CA ALA E 44 -43.12 4.86 16.51
C ALA E 44 -41.65 4.66 16.86
N TYR E 45 -41.27 4.88 18.13
CA TYR E 45 -39.88 4.74 18.55
C TYR E 45 -39.39 3.32 18.27
N ILE E 46 -40.21 2.32 18.60
CA ILE E 46 -39.84 0.92 18.44
C ILE E 46 -39.52 0.65 16.97
N ILE E 47 -40.38 1.13 16.06
CA ILE E 47 -40.16 0.94 14.63
C ILE E 47 -38.86 1.61 14.21
N ILE E 48 -38.58 2.79 14.78
CA ILE E 48 -37.37 3.54 14.47
C ILE E 48 -36.16 2.78 15.03
N PHE E 49 -36.35 2.09 16.17
CA PHE E 49 -35.28 1.35 16.82
C PHE E 49 -34.92 0.09 16.03
N LEU E 50 -35.94 -0.63 15.55
CA LEU E 50 -35.75 -1.96 14.99
C LEU E 50 -35.23 -1.89 13.56
N THR E 51 -35.52 -0.80 12.83
CA THR E 51 -35.06 -0.64 11.46
C THR E 51 -33.78 0.19 11.42
N GLY E 52 -33.70 1.20 12.30
CA GLY E 52 -32.57 2.11 12.32
C GLY E 52 -31.28 1.44 12.80
N LEU E 53 -31.36 0.71 13.92
CA LEU E 53 -30.19 0.16 14.58
C LEU E 53 -29.42 -0.78 13.66
N PRO E 54 -30.05 -1.77 12.97
CA PRO E 54 -29.30 -2.60 12.02
C PRO E 54 -28.77 -1.82 10.81
N ALA E 55 -29.59 -0.90 10.28
CA ALA E 55 -29.23 -0.14 9.09
C ALA E 55 -27.96 0.66 9.33
N ASN E 56 -27.86 1.31 10.50
CA ASN E 56 -26.68 2.07 10.87
C ASN E 56 -25.47 1.16 10.99
N LEU E 57 -25.62 0.05 11.73
CA LEU E 57 -24.51 -0.86 11.99
C LEU E 57 -23.94 -1.38 10.68
N LEU E 58 -24.82 -1.65 9.71
CA LEU E 58 -24.38 -2.05 8.37
C LEU E 58 -23.62 -0.91 7.72
N ALA E 59 -24.18 0.31 7.79
CA ALA E 59 -23.59 1.48 7.15
C ALA E 59 -22.28 1.86 7.83
N LEU E 60 -22.19 1.65 9.15
CA LEU E 60 -21.01 1.99 9.92
C LEU E 60 -19.84 1.13 9.42
N ARG E 61 -20.07 -0.18 9.30
CA ARG E 61 -19.06 -1.12 8.81
C ARG E 61 -18.51 -0.62 7.47
N ALA E 62 -19.42 -0.20 6.57
CA ALA E 62 -19.03 0.27 5.25
C ALA E 62 -18.15 1.51 5.35
N PHE E 63 -18.58 2.49 6.16
CA PHE E 63 -17.91 3.79 6.24
C PHE E 63 -16.56 3.63 6.91
N VAL E 64 -16.50 2.87 8.02
CA VAL E 64 -15.24 2.61 8.69
C VAL E 64 -14.25 2.05 7.67
N GLY E 65 -14.69 1.04 6.91
CA GLY E 65 -13.85 0.40 5.91
C GLY E 65 -13.32 1.38 4.87
N ARG E 66 -14.15 2.34 4.47
CA ARG E 66 -13.83 3.30 3.42
C ARG E 66 -12.75 4.28 3.89
N ILE E 67 -12.66 4.52 5.21
CA ILE E 67 -11.67 5.44 5.75
C ILE E 67 -10.30 4.76 5.70
N ARG E 68 -10.25 3.44 5.91
CA ARG E 68 -9.00 2.71 6.00
C ARG E 68 -8.43 2.48 4.60
N GLN E 69 -9.30 2.47 3.58
CA GLN E 69 -8.89 2.32 2.19
C GLN E 69 -8.15 3.58 1.74
N PRO E 70 -7.34 3.52 0.65
CA PRO E 70 -6.54 4.67 0.23
C PRO E 70 -7.36 5.87 -0.26
N GLN E 71 -6.83 7.07 0.00
CA GLN E 71 -7.35 8.33 -0.54
C GLN E 71 -8.81 8.50 -0.11
N PRO E 72 -9.12 8.70 1.20
CA PRO E 72 -10.49 9.02 1.62
C PRO E 72 -10.82 10.48 1.32
N ALA E 73 -12.12 10.81 1.35
CA ALA E 73 -12.61 12.15 1.03
C ALA E 73 -13.14 12.81 2.29
N PRO E 74 -13.21 14.17 2.35
CA PRO E 74 -13.85 14.87 3.47
C PRO E 74 -15.27 14.42 3.79
N VAL E 75 -16.05 14.06 2.76
CA VAL E 75 -17.44 13.69 2.95
C VAL E 75 -17.52 12.30 3.58
N HIS E 76 -16.50 11.45 3.34
CA HIS E 76 -16.45 10.13 3.92
C HIS E 76 -16.26 10.21 5.43
N ILE E 77 -15.54 11.25 5.89
CA ILE E 77 -15.35 11.50 7.32
C ILE E 77 -16.70 11.89 7.93
N LEU E 78 -17.45 12.76 7.24
CA LEU E 78 -18.71 13.28 7.75
C LEU E 78 -19.75 12.17 7.80
N LEU E 79 -19.78 11.31 6.76
CA LEU E 79 -20.75 10.23 6.69
C LEU E 79 -20.52 9.24 7.82
N LEU E 80 -19.25 8.99 8.17
CA LEU E 80 -18.92 8.21 9.35
C LEU E 80 -19.46 8.92 10.58
N SER E 81 -19.18 10.22 10.69
CA SER E 81 -19.56 11.02 11.84
C SER E 81 -21.07 11.04 12.02
N LEU E 82 -21.81 11.09 10.92
CA LEU E 82 -23.27 11.11 10.95
C LEU E 82 -23.79 9.80 11.52
N THR E 83 -23.27 8.67 11.04
CA THR E 83 -23.75 7.36 11.42
C THR E 83 -23.54 7.15 12.91
N LEU E 84 -22.37 7.56 13.42
CA LEU E 84 -22.07 7.47 14.84
C LEU E 84 -23.07 8.30 15.64
N ALA E 85 -23.32 9.54 15.19
CA ALA E 85 -24.26 10.43 15.85
C ALA E 85 -25.66 9.80 15.87
N ASP E 86 -26.03 9.11 14.80
CA ASP E 86 -27.32 8.43 14.71
C ASP E 86 -27.37 7.29 15.73
N LEU E 87 -26.32 6.46 15.78
CA LEU E 87 -26.31 5.31 16.68
C LEU E 87 -26.54 5.77 18.11
N LEU E 88 -25.78 6.79 18.55
CA LEU E 88 -25.87 7.28 19.92
C LEU E 88 -27.33 7.54 20.27
N LEU E 89 -28.08 8.15 19.35
CA LEU E 89 -29.50 8.44 19.55
C LEU E 89 -30.28 7.13 19.63
N LEU E 90 -29.97 6.19 18.74
CA LEU E 90 -30.70 4.92 18.65
C LEU E 90 -30.45 4.07 19.90
N LEU E 91 -29.27 4.23 20.54
CA LEU E 91 -28.93 3.46 21.73
C LEU E 91 -29.60 4.06 22.96
N LEU E 92 -29.95 5.36 22.91
CA LEU E 92 -30.66 6.00 24.01
C LEU E 92 -32.16 6.07 23.74
N LEU E 93 -32.58 5.54 22.58
CA LEU E 93 -33.98 5.51 22.19
C LEU E 93 -34.78 4.57 23.11
N PRO E 94 -34.27 3.38 23.55
CA PRO E 94 -35.04 2.49 24.43
C PRO E 94 -35.58 3.15 25.71
N PHE E 95 -34.83 4.10 26.27
CA PHE E 95 -35.26 4.80 27.47
C PHE E 95 -36.51 5.64 27.16
N LYS E 96 -36.59 6.15 25.93
CA LYS E 96 -37.74 6.94 25.49
C LYS E 96 -38.91 6.00 25.20
N ILE E 97 -38.60 4.74 24.85
CA ILE E 97 -39.61 3.71 24.67
C ILE E 97 -40.20 3.37 26.03
N ILE E 98 -39.35 3.32 27.08
CA ILE E 98 -39.81 3.08 28.44
C ILE E 98 -40.81 4.17 28.83
N GLU E 99 -40.45 5.43 28.58
CA GLU E 99 -41.31 6.57 28.90
C GLU E 99 -42.69 6.39 28.24
N ALA E 100 -42.69 6.05 26.95
CA ALA E 100 -43.91 5.91 26.19
C ALA E 100 -44.74 4.72 26.70
N ALA E 101 -44.05 3.69 27.21
CA ALA E 101 -44.70 2.55 27.83
C ALA E 101 -45.19 2.90 29.23
N SER E 102 -44.40 3.72 29.94
CA SER E 102 -44.75 4.17 31.29
C SER E 102 -45.80 5.28 31.26
N ASN E 103 -46.14 5.75 30.05
CA ASN E 103 -47.12 6.80 29.84
C ASN E 103 -46.57 8.10 30.44
N PHE E 104 -45.35 8.46 30.01
CA PHE E 104 -44.68 9.69 30.40
C PHE E 104 -44.69 9.84 31.92
N ARG E 105 -43.96 8.93 32.59
CA ARG E 105 -43.63 9.06 34.01
C ARG E 105 -42.32 8.34 34.26
N TRP E 106 -41.31 9.08 34.73
CA TRP E 106 -39.96 8.57 34.90
C TRP E 106 -39.83 7.87 36.24
N TYR E 107 -39.48 6.57 36.20
CA TYR E 107 -39.35 5.75 37.39
C TYR E 107 -37.88 5.48 37.71
N LEU E 108 -37.01 5.54 36.70
CA LEU E 108 -35.60 5.22 36.87
C LEU E 108 -34.94 6.30 37.73
N PRO E 109 -33.74 6.05 38.32
CA PRO E 109 -33.02 7.12 39.04
C PRO E 109 -32.89 8.39 38.20
N LYS E 110 -32.92 9.54 38.89
CA LYS E 110 -33.01 10.84 38.24
C LYS E 110 -31.72 11.18 37.50
N VAL E 111 -30.61 10.56 37.90
CA VAL E 111 -29.32 10.75 37.23
C VAL E 111 -29.39 10.17 35.82
N VAL E 112 -30.20 9.11 35.62
CA VAL E 112 -30.32 8.46 34.32
C VAL E 112 -31.01 9.44 33.36
N CYS E 113 -32.13 10.03 33.82
CA CYS E 113 -32.88 11.01 33.03
C CYS E 113 -31.95 12.07 32.46
N ALA E 114 -31.05 12.61 33.30
CA ALA E 114 -30.18 13.71 32.92
C ALA E 114 -29.24 13.28 31.79
N LEU E 115 -28.65 12.08 31.92
CA LEU E 115 -27.68 11.60 30.94
C LEU E 115 -28.41 11.15 29.67
N THR E 116 -29.54 10.44 29.84
CA THR E 116 -30.34 9.97 28.71
C THR E 116 -30.75 11.16 27.85
N SER E 117 -31.42 12.15 28.47
CA SER E 117 -31.94 13.29 27.74
C SER E 117 -30.79 14.08 27.11
N PHE E 118 -29.70 14.26 27.86
CA PHE E 118 -28.54 15.00 27.39
C PHE E 118 -28.04 14.41 26.08
N GLY E 119 -27.73 13.12 26.08
CA GLY E 119 -27.16 12.46 24.91
C GLY E 119 -28.12 12.43 23.74
N PHE E 120 -29.43 12.43 24.03
CA PHE E 120 -30.46 12.38 23.00
C PHE E 120 -30.46 13.67 22.19
N TYR E 121 -30.59 14.81 22.87
CA TYR E 121 -30.70 16.10 22.20
C TYR E 121 -29.36 16.48 21.58
N SER E 122 -28.26 16.20 22.30
CA SER E 122 -26.92 16.45 21.78
C SER E 122 -26.73 15.76 20.43
N SER E 123 -27.30 14.56 20.27
CA SER E 123 -27.18 13.79 19.05
C SER E 123 -28.03 14.42 17.93
N ILE E 124 -29.25 14.85 18.26
CA ILE E 124 -30.11 15.51 17.29
C ILE E 124 -29.34 16.65 16.63
N TYR E 125 -28.73 17.53 17.43
CA TYR E 125 -28.08 18.72 16.93
C TYR E 125 -26.76 18.36 16.26
N CYS E 126 -26.08 17.31 16.75
CA CYS E 126 -24.87 16.83 16.10
C CYS E 126 -25.20 16.30 14.71
N SER E 127 -26.40 15.73 14.54
CA SER E 127 -26.88 15.28 13.24
C SER E 127 -27.20 16.48 12.35
N THR E 128 -27.91 17.47 12.91
CA THR E 128 -28.32 18.65 12.15
C THR E 128 -27.11 19.30 11.51
N TRP E 129 -26.03 19.50 12.28
CA TRP E 129 -24.86 20.22 11.81
C TRP E 129 -24.03 19.37 10.86
N LEU E 130 -24.00 18.05 11.07
CA LEU E 130 -23.23 17.17 10.20
C LEU E 130 -23.88 17.07 8.83
N LEU E 131 -25.21 17.16 8.78
CA LEU E 131 -25.92 17.14 7.51
C LEU E 131 -25.63 18.44 6.74
N ALA E 132 -25.63 19.58 7.45
CA ALA E 132 -25.27 20.84 6.86
C ALA E 132 -23.82 20.79 6.34
N GLY E 133 -22.99 19.99 7.00
CA GLY E 133 -21.62 19.75 6.54
C GLY E 133 -21.59 19.03 5.20
N ILE E 134 -22.47 18.03 5.02
CA ILE E 134 -22.49 17.23 3.81
C ILE E 134 -23.03 18.08 2.66
N SER E 135 -24.03 18.91 2.93
CA SER E 135 -24.63 19.76 1.91
C SER E 135 -23.58 20.64 1.22
N ILE E 136 -22.57 21.10 1.98
CA ILE E 136 -21.52 21.96 1.45
C ILE E 136 -20.64 21.16 0.50
N GLU E 137 -20.24 19.95 0.91
CA GLU E 137 -19.33 19.14 0.13
C GLU E 137 -19.99 18.73 -1.19
N ARG E 138 -21.34 18.71 -1.21
CA ARG E 138 -22.08 18.39 -2.41
C ARG E 138 -22.12 19.59 -3.36
N TYR E 139 -22.26 20.80 -2.81
CA TYR E 139 -22.29 22.02 -3.60
C TYR E 139 -20.92 22.25 -4.23
N LEU E 140 -19.86 22.22 -3.42
CA LEU E 140 -18.51 22.51 -3.91
C LEU E 140 -18.11 21.49 -4.96
N GLY E 141 -18.53 20.23 -4.77
CA GLY E 141 -18.28 19.16 -5.73
C GLY E 141 -18.62 19.57 -7.16
N VAL E 142 -19.72 20.33 -7.34
CA VAL E 142 -20.28 20.57 -8.66
C VAL E 142 -20.13 22.05 -9.07
N ALA E 143 -20.03 22.95 -8.10
CA ALA E 143 -19.91 24.37 -8.40
C ALA E 143 -18.47 24.70 -8.80
N PHE E 144 -17.51 24.15 -8.05
CA PHE E 144 -16.10 24.38 -8.30
C PHE E 144 -15.38 23.03 -8.33
N PRO E 145 -15.50 22.24 -9.42
CA PRO E 145 -15.07 20.84 -9.40
C PRO E 145 -13.56 20.68 -9.32
N VAL E 146 -12.84 21.51 -10.08
CA VAL E 146 -11.38 21.50 -10.11
C VAL E 146 -10.85 21.92 -8.73
N GLN E 147 -11.38 23.02 -8.18
CA GLN E 147 -10.86 23.59 -6.94
C GLN E 147 -11.26 22.72 -5.75
N TYR E 148 -12.30 21.88 -5.93
CA TYR E 148 -12.64 20.86 -4.94
C TYR E 148 -11.57 19.78 -4.97
N LYS E 149 -11.28 19.26 -6.18
CA LYS E 149 -10.29 18.20 -6.37
C LYS E 149 -8.94 18.62 -5.79
N LEU E 150 -8.50 19.84 -6.10
CA LEU E 150 -7.18 20.32 -5.71
C LEU E 150 -7.07 20.37 -4.19
N SER E 151 -8.09 20.92 -3.50
CA SER E 151 -8.04 21.09 -2.06
C SER E 151 -9.02 20.15 -1.39
N ARG E 152 -8.71 18.84 -1.44
CA ARG E 152 -9.60 17.80 -0.95
C ARG E 152 -8.83 16.92 0.03
N ARG E 153 -8.25 17.54 1.06
CA ARG E 153 -7.50 16.80 2.07
C ARG E 153 -8.48 16.29 3.11
N PRO E 154 -8.36 15.03 3.59
CA PRO E 154 -9.31 14.48 4.57
C PRO E 154 -9.21 15.14 5.95
N LEU E 155 -8.20 16.01 6.13
CA LEU E 155 -8.09 16.85 7.31
C LEU E 155 -9.34 17.70 7.48
N TYR E 156 -9.75 18.40 6.41
CA TYR E 156 -10.82 19.38 6.49
C TYR E 156 -12.11 18.68 6.93
N GLY E 157 -12.32 17.44 6.46
CA GLY E 157 -13.45 16.63 6.88
C GLY E 157 -13.49 16.44 8.40
N VAL E 158 -12.32 16.19 9.00
CA VAL E 158 -12.21 15.98 10.44
C VAL E 158 -12.57 17.28 11.15
N ILE E 159 -12.01 18.41 10.69
CA ILE E 159 -12.28 19.71 11.28
C ILE E 159 -13.80 19.94 11.28
N ALA E 160 -14.43 19.69 10.11
CA ALA E 160 -15.86 19.91 9.94
C ALA E 160 -16.66 19.08 10.95
N ALA E 161 -16.24 17.83 11.18
CA ALA E 161 -16.92 16.95 12.10
C ALA E 161 -16.81 17.45 13.54
N LEU E 162 -15.60 17.92 13.91
CA LEU E 162 -15.36 18.42 15.26
C LEU E 162 -16.24 19.64 15.53
N VAL E 163 -16.34 20.55 14.56
CA VAL E 163 -17.14 21.76 14.72
C VAL E 163 -18.57 21.34 15.08
N ALA E 164 -19.10 20.34 14.38
CA ALA E 164 -20.45 19.85 14.61
C ALA E 164 -20.59 19.32 16.04
N TRP E 165 -19.56 18.58 16.50
CA TRP E 165 -19.55 18.03 17.86
C TRP E 165 -19.44 19.17 18.88
N VAL E 166 -18.49 20.09 18.66
CA VAL E 166 -18.24 21.20 19.57
C VAL E 166 -19.51 22.04 19.69
N MET E 167 -20.14 22.37 18.56
CA MET E 167 -21.31 23.25 18.56
C MET E 167 -22.48 22.58 19.28
N SER E 168 -22.67 21.27 19.08
CA SER E 168 -23.87 20.59 19.57
C SER E 168 -23.67 20.14 21.02
N PHE E 169 -22.63 19.32 21.27
CA PHE E 169 -22.39 18.77 22.59
C PHE E 169 -21.98 19.89 23.54
N GLY E 170 -21.16 20.84 23.05
CA GLY E 170 -20.68 21.95 23.85
C GLY E 170 -21.82 22.87 24.30
N HIS E 171 -22.81 23.09 23.42
CA HIS E 171 -23.94 23.96 23.72
C HIS E 171 -24.79 23.33 24.83
N CYS E 172 -25.01 22.02 24.72
CA CYS E 172 -25.79 21.27 25.71
C CYS E 172 -25.04 21.19 27.04
N THR E 173 -23.71 21.03 26.97
CA THR E 173 -22.88 20.88 28.17
C THR E 173 -23.00 22.12 29.05
N ILE E 174 -22.84 23.31 28.44
CA ILE E 174 -22.93 24.57 29.17
C ILE E 174 -24.27 24.59 29.93
N VAL E 175 -25.35 24.21 29.23
CA VAL E 175 -26.70 24.32 29.76
C VAL E 175 -26.87 23.43 30.99
N ILE E 176 -26.46 22.15 30.87
CA ILE E 176 -26.69 21.18 31.93
C ILE E 176 -25.82 21.51 33.14
N ILE E 177 -24.68 22.19 32.91
CA ILE E 177 -23.80 22.64 33.97
C ILE E 177 -24.48 23.75 34.78
N VAL E 178 -25.19 24.66 34.10
CA VAL E 178 -25.86 25.76 34.76
C VAL E 178 -26.97 25.23 35.65
N GLN E 179 -27.55 24.07 35.29
CA GLN E 179 -28.66 23.50 36.04
C GLN E 179 -28.19 23.01 37.41
N TYR E 180 -27.18 22.11 37.44
CA TYR E 180 -26.75 21.49 38.69
C TYR E 180 -26.13 22.53 39.61
N LEU E 181 -25.49 23.57 39.03
CA LEU E 181 -25.02 24.70 39.80
C LEU E 181 -26.19 25.68 40.00
N ASN E 182 -27.05 25.36 40.98
CA ASN E 182 -28.21 26.17 41.30
C ASN E 182 -28.31 26.35 42.83
N ILE E 193 -41.26 13.65 38.69
CA ILE E 193 -41.71 12.36 38.08
C ILE E 193 -41.62 12.43 36.55
N THR E 194 -41.38 13.63 36.00
CA THR E 194 -41.26 13.82 34.56
C THR E 194 -39.79 14.09 34.21
N CYS E 195 -39.33 13.49 33.11
CA CYS E 195 -37.96 13.69 32.65
C CYS E 195 -37.93 14.92 31.74
N TYR E 196 -37.80 16.10 32.39
CA TYR E 196 -37.72 17.39 31.72
C TYR E 196 -38.98 17.65 30.88
N GLU E 197 -40.16 17.47 31.50
CA GLU E 197 -41.43 17.77 30.84
C GLU E 197 -42.46 18.31 31.82
N ASN E 198 -42.00 18.88 32.94
CA ASN E 198 -42.88 19.62 33.86
C ASN E 198 -42.04 20.69 34.54
N PHE E 199 -41.54 21.64 33.74
CA PHE E 199 -40.74 22.74 34.24
C PHE E 199 -41.66 23.69 35.02
N THR E 200 -41.16 24.18 36.16
CA THR E 200 -41.95 25.01 37.06
C THR E 200 -42.06 26.40 36.44
N ASP E 201 -43.10 27.15 36.85
CA ASP E 201 -43.40 28.47 36.31
C ASP E 201 -42.17 29.39 36.43
N ASN E 202 -41.39 29.21 37.49
CA ASN E 202 -40.19 30.02 37.74
C ASN E 202 -39.10 29.64 36.75
N GLN E 203 -38.96 28.34 36.47
CA GLN E 203 -37.93 27.83 35.56
C GLN E 203 -38.22 28.26 34.12
N LEU E 204 -39.49 28.52 33.80
CA LEU E 204 -39.90 28.89 32.45
C LEU E 204 -39.25 30.21 32.02
N ASP E 205 -38.66 30.95 32.98
CA ASP E 205 -37.99 32.20 32.69
C ASP E 205 -36.49 32.00 32.44
N VAL E 206 -36.06 30.74 32.27
CA VAL E 206 -34.70 30.45 31.85
C VAL E 206 -34.69 29.33 30.80
N VAL E 207 -35.51 28.28 30.99
CA VAL E 207 -35.53 27.16 30.06
C VAL E 207 -35.98 27.67 28.69
N LEU E 208 -37.04 28.49 28.65
CA LEU E 208 -37.66 28.89 27.39
C LEU E 208 -36.75 29.86 26.63
N PRO E 209 -36.17 30.91 27.26
CA PRO E 209 -35.14 31.72 26.59
C PRO E 209 -34.00 30.92 25.96
N VAL E 210 -33.51 29.88 26.66
CA VAL E 210 -32.41 29.07 26.19
C VAL E 210 -32.86 28.24 24.98
N ARG E 211 -34.10 27.74 25.03
CA ARG E 211 -34.69 26.98 23.93
C ARG E 211 -34.70 27.82 22.65
N LEU E 212 -35.11 29.09 22.76
CA LEU E 212 -35.17 29.98 21.61
C LEU E 212 -33.77 30.20 21.06
N GLU E 213 -32.78 30.33 21.95
CA GLU E 213 -31.39 30.51 21.57
C GLU E 213 -30.92 29.29 20.77
N LEU E 214 -31.31 28.10 21.23
CA LEU E 214 -30.96 26.85 20.57
C LEU E 214 -31.58 26.80 19.16
N CYS E 215 -32.80 27.34 19.02
CA CYS E 215 -33.49 27.33 17.73
C CYS E 215 -32.74 28.23 16.73
N LEU E 216 -32.40 29.44 17.14
CA LEU E 216 -31.90 30.45 16.21
C LEU E 216 -30.51 30.06 15.71
N VAL E 217 -29.58 29.76 16.63
CA VAL E 217 -28.18 29.67 16.24
C VAL E 217 -27.79 28.21 15.99
N LEU E 218 -28.58 27.24 16.47
CA LEU E 218 -28.19 25.85 16.39
C LEU E 218 -29.08 25.07 15.42
N PHE E 219 -30.06 25.73 14.79
CA PHE E 219 -30.84 25.12 13.71
C PHE E 219 -30.87 26.03 12.49
N PHE E 220 -31.22 27.31 12.65
CA PHE E 220 -31.40 28.19 11.52
C PHE E 220 -30.08 28.41 10.79
N ILE E 221 -28.95 28.46 11.54
CA ILE E 221 -27.65 28.63 10.92
C ILE E 221 -27.37 27.43 10.02
N PRO E 222 -27.33 26.17 10.50
CA PRO E 222 -27.12 25.03 9.61
C PRO E 222 -28.26 24.76 8.63
N MET E 223 -29.44 25.38 8.84
CA MET E 223 -30.52 25.30 7.88
C MET E 223 -30.22 26.21 6.69
N ALA E 224 -29.92 27.48 6.97
CA ALA E 224 -29.67 28.46 5.92
C ALA E 224 -28.58 27.95 4.98
N VAL E 225 -27.54 27.33 5.55
CA VAL E 225 -26.48 26.72 4.77
C VAL E 225 -27.09 25.62 3.89
N THR E 226 -27.80 24.67 4.52
CA THR E 226 -28.30 23.49 3.82
C THR E 226 -29.21 23.92 2.68
N ILE E 227 -30.15 24.84 2.93
CA ILE E 227 -31.09 25.26 1.91
C ILE E 227 -30.32 25.91 0.76
N PHE E 228 -29.39 26.82 1.10
CA PHE E 228 -28.62 27.55 0.09
C PHE E 228 -27.86 26.56 -0.80
N CYS E 229 -27.17 25.60 -0.18
CA CYS E 229 -26.35 24.64 -0.93
C CYS E 229 -27.23 23.83 -1.89
N TYR E 230 -28.31 23.24 -1.37
CA TYR E 230 -29.13 22.34 -2.17
C TYR E 230 -29.95 23.11 -3.20
N TRP E 231 -30.23 24.39 -2.94
CA TRP E 231 -30.90 25.21 -3.94
C TRP E 231 -30.00 25.37 -5.16
N ARG E 232 -28.74 25.75 -4.95
CA ARG E 232 -27.80 25.98 -6.04
C ARG E 232 -27.40 24.64 -6.67
N PHE E 233 -27.28 23.60 -5.85
CA PHE E 233 -26.89 22.28 -6.33
C PHE E 233 -27.86 21.82 -7.42
N VAL E 234 -29.17 21.92 -7.15
CA VAL E 234 -30.19 21.48 -8.08
C VAL E 234 -30.16 22.38 -9.32
N TRP E 235 -30.03 23.69 -9.09
CA TRP E 235 -30.00 24.68 -10.17
C TRP E 235 -28.82 24.44 -11.11
N ILE E 236 -27.68 23.97 -10.57
CA ILE E 236 -26.49 23.73 -11.36
C ILE E 236 -26.62 22.42 -12.14
N MET E 237 -27.14 21.36 -11.48
CA MET E 237 -27.28 20.05 -12.12
C MET E 237 -28.26 20.11 -13.29
N LEU E 238 -29.18 21.09 -13.26
CA LEU E 238 -30.18 21.25 -14.32
C LEU E 238 -29.75 22.30 -15.34
N SER E 239 -28.59 22.93 -15.13
CA SER E 239 -28.04 23.89 -16.08
C SER E 239 -26.78 23.33 -16.75
N GLN E 240 -26.24 22.22 -16.22
CA GLN E 240 -25.04 21.58 -16.76
C GLN E 240 -25.49 20.46 -17.70
N PRO E 241 -25.35 20.62 -19.05
CA PRO E 241 -25.94 19.68 -20.01
C PRO E 241 -25.07 18.53 -20.50
N LEU E 242 -23.79 18.50 -20.11
CA LEU E 242 -22.88 17.45 -20.53
C LEU E 242 -23.04 16.23 -19.59
N VAL E 243 -24.20 15.57 -19.69
CA VAL E 243 -24.58 14.48 -18.81
C VAL E 243 -25.59 13.59 -19.51
N GLY E 244 -25.71 12.34 -19.03
CA GLY E 244 -26.85 11.49 -19.31
C GLY E 244 -28.03 11.90 -18.44
N ALA E 245 -29.25 11.60 -18.92
CA ALA E 245 -30.47 12.05 -18.28
C ALA E 245 -30.71 11.30 -16.97
N GLN E 246 -30.29 10.02 -16.92
CA GLN E 246 -30.59 9.15 -15.79
C GLN E 246 -29.91 9.70 -14.53
N ARG E 247 -28.62 10.03 -14.64
CA ARG E 247 -27.85 10.60 -13.55
C ARG E 247 -28.45 11.95 -13.13
N ARG E 248 -28.83 12.75 -14.13
CA ARG E 248 -29.34 14.10 -13.91
C ARG E 248 -30.54 14.05 -12.96
N ARG E 249 -31.41 13.05 -13.14
CA ARG E 249 -32.61 12.90 -12.33
C ARG E 249 -32.24 12.27 -10.98
N ARG E 250 -31.45 11.18 -11.03
CA ARG E 250 -31.00 10.48 -9.84
C ARG E 250 -30.43 11.48 -8.83
N ALA E 251 -29.58 12.41 -9.31
CA ALA E 251 -28.89 13.36 -8.44
C ALA E 251 -29.89 14.32 -7.81
N VAL E 252 -30.69 15.00 -8.65
CA VAL E 252 -31.64 16.00 -8.19
C VAL E 252 -32.68 15.33 -7.29
N GLY E 253 -33.05 14.10 -7.62
CA GLY E 253 -33.92 13.29 -6.77
C GLY E 253 -33.42 13.25 -5.33
N LEU E 254 -32.20 12.72 -5.14
CA LEU E 254 -31.63 12.51 -3.82
C LEU E 254 -31.35 13.85 -3.13
N ALA E 255 -31.06 14.89 -3.92
CA ALA E 255 -30.86 16.23 -3.39
C ALA E 255 -32.12 16.73 -2.71
N VAL E 256 -33.28 16.52 -3.35
CA VAL E 256 -34.56 16.99 -2.85
C VAL E 256 -34.99 16.16 -1.64
N VAL E 257 -34.77 14.84 -1.70
CA VAL E 257 -35.19 13.95 -0.63
C VAL E 257 -34.41 14.32 0.64
N THR E 258 -33.12 14.63 0.49
CA THR E 258 -32.29 15.00 1.63
C THR E 258 -32.81 16.29 2.25
N LEU E 259 -33.10 17.30 1.42
CA LEU E 259 -33.52 18.61 1.90
C LEU E 259 -34.87 18.50 2.63
N LEU E 260 -35.75 17.59 2.16
CA LEU E 260 -37.04 17.40 2.81
C LEU E 260 -36.82 16.69 4.15
N ASN E 261 -36.07 15.58 4.15
CA ASN E 261 -35.72 14.91 5.39
C ASN E 261 -35.33 15.94 6.44
N PHE E 262 -34.45 16.89 6.05
CA PHE E 262 -33.93 17.88 6.97
C PHE E 262 -35.05 18.75 7.54
N LEU E 263 -36.00 19.16 6.68
CA LEU E 263 -37.02 20.13 7.07
C LEU E 263 -38.26 19.45 7.65
N VAL E 264 -38.40 18.14 7.46
CA VAL E 264 -39.56 17.42 7.98
C VAL E 264 -39.19 16.81 9.34
N CYS E 265 -37.95 16.37 9.50
CA CYS E 265 -37.50 15.74 10.74
C CYS E 265 -37.17 16.80 11.78
N PHE E 266 -36.28 17.75 11.43
CA PHE E 266 -35.73 18.69 12.40
C PHE E 266 -36.55 19.97 12.45
N GLY E 267 -37.49 20.14 11.50
CA GLY E 267 -38.34 21.32 11.46
C GLY E 267 -39.21 21.44 12.71
N PRO E 268 -40.12 20.47 12.99
CA PRO E 268 -41.16 20.62 14.02
C PRO E 268 -40.64 20.88 15.43
N TYR E 269 -39.50 20.27 15.77
CA TYR E 269 -38.92 20.37 17.09
C TYR E 269 -38.38 21.78 17.33
N ASN E 270 -37.67 22.33 16.33
CA ASN E 270 -37.01 23.62 16.47
C ASN E 270 -38.03 24.76 16.35
N VAL E 271 -39.21 24.47 15.77
CA VAL E 271 -40.29 25.45 15.72
C VAL E 271 -40.95 25.52 17.10
N SER E 272 -41.03 24.39 17.81
CA SER E 272 -41.63 24.33 19.13
C SER E 272 -40.97 25.32 20.08
N HIS E 273 -39.63 25.40 20.02
CA HIS E 273 -38.87 26.35 20.81
C HIS E 273 -39.47 27.76 20.68
N LEU E 274 -39.76 28.17 19.43
CA LEU E 274 -40.26 29.51 19.14
C LEU E 274 -41.68 29.65 19.68
N VAL E 275 -42.53 28.66 19.36
CA VAL E 275 -43.92 28.64 19.82
C VAL E 275 -43.94 28.81 21.33
N GLY E 276 -43.00 28.12 22.01
CA GLY E 276 -42.90 28.15 23.46
C GLY E 276 -42.66 29.54 24.01
N TYR E 277 -41.73 30.28 23.39
CA TYR E 277 -41.32 31.59 23.89
C TYR E 277 -42.45 32.60 23.73
N HIS E 278 -43.19 32.51 22.61
CA HIS E 278 -44.28 33.43 22.33
C HIS E 278 -45.43 33.22 23.32
N GLN E 279 -45.75 31.95 23.59
CA GLN E 279 -46.81 31.60 24.52
C GLN E 279 -46.33 31.72 25.97
N ARG E 280 -45.00 31.67 26.16
CA ARG E 280 -44.37 31.66 27.47
C ARG E 280 -44.89 30.44 28.24
N LYS E 281 -44.78 29.27 27.59
CA LYS E 281 -45.26 28.00 28.13
C LYS E 281 -44.68 26.88 27.29
N SER E 282 -44.19 25.82 27.94
CA SER E 282 -43.64 24.66 27.24
C SER E 282 -44.72 24.08 26.33
N PRO E 283 -44.47 23.93 25.01
CA PRO E 283 -45.43 23.26 24.13
C PRO E 283 -45.67 21.82 24.57
N TRP E 284 -46.96 21.42 24.62
CA TRP E 284 -47.36 20.09 25.05
C TRP E 284 -46.97 19.05 23.99
N TRP E 285 -46.89 19.48 22.72
CA TRP E 285 -46.69 18.59 21.59
C TRP E 285 -45.21 18.38 21.30
N ARG E 286 -44.32 18.79 22.23
CA ARG E 286 -42.89 18.61 22.06
C ARG E 286 -42.54 17.13 21.89
N SER E 287 -43.20 16.26 22.66
CA SER E 287 -42.93 14.82 22.66
C SER E 287 -43.10 14.23 21.27
N ILE E 288 -44.06 14.76 20.49
CA ILE E 288 -44.33 14.29 19.15
C ILE E 288 -43.17 14.68 18.22
N ALA E 289 -42.65 15.90 18.39
CA ALA E 289 -41.67 16.46 17.47
C ALA E 289 -40.36 15.67 17.51
N VAL E 290 -40.00 15.16 18.68
CA VAL E 290 -38.76 14.43 18.89
C VAL E 290 -38.80 13.10 18.13
N VAL E 291 -40.00 12.51 18.03
CA VAL E 291 -40.19 11.27 17.28
C VAL E 291 -39.67 11.48 15.86
N PHE E 292 -40.06 12.61 15.23
CA PHE E 292 -39.68 12.93 13.87
C PHE E 292 -38.19 13.22 13.76
N SER E 293 -37.64 13.94 14.74
CA SER E 293 -36.22 14.26 14.76
C SER E 293 -35.40 12.98 14.90
N SER E 294 -35.97 11.96 15.55
CA SER E 294 -35.34 10.65 15.70
C SER E 294 -35.45 9.85 14.39
N LEU E 295 -36.60 9.97 13.72
CA LEU E 295 -36.88 9.23 12.50
C LEU E 295 -35.72 9.35 11.52
N ASN E 296 -34.98 10.46 11.57
CA ASN E 296 -33.91 10.71 10.62
C ASN E 296 -32.76 9.73 10.84
N ALA E 297 -32.56 9.26 12.07
CA ALA E 297 -31.53 8.27 12.38
C ALA E 297 -31.85 6.94 11.71
N SER E 298 -33.12 6.71 11.37
CA SER E 298 -33.55 5.52 10.64
C SER E 298 -33.52 5.77 9.13
N LEU E 299 -33.81 7.01 8.70
CA LEU E 299 -34.01 7.33 7.30
C LEU E 299 -32.73 7.82 6.63
N ASP E 300 -31.72 8.20 7.42
CA ASP E 300 -30.42 8.58 6.86
C ASP E 300 -29.70 7.36 6.28
N PRO E 301 -29.42 6.27 7.04
CA PRO E 301 -28.59 5.18 6.53
C PRO E 301 -29.08 4.61 5.20
N LEU E 302 -30.40 4.65 4.97
CA LEU E 302 -31.00 4.15 3.75
C LEU E 302 -30.68 5.12 2.61
N LEU E 303 -30.79 6.42 2.89
CA LEU E 303 -30.67 7.46 1.87
C LEU E 303 -29.23 7.61 1.41
N PHE E 304 -28.26 7.41 2.32
CA PHE E 304 -26.86 7.68 2.04
C PHE E 304 -26.16 6.41 1.56
N TYR E 305 -26.36 5.29 2.28
CA TYR E 305 -25.61 4.07 2.01
C TYR E 305 -26.38 3.15 1.06
N PHE E 306 -27.64 2.84 1.39
CA PHE E 306 -28.38 1.79 0.70
C PHE E 306 -28.74 2.26 -0.71
N SER E 307 -28.95 3.56 -0.88
CA SER E 307 -29.24 4.14 -2.19
C SER E 307 -27.99 4.11 -3.08
N SER E 308 -26.80 4.25 -2.46
CA SER E 308 -25.54 4.14 -3.17
C SER E 308 -25.30 2.71 -3.65
N SER E 309 -25.74 1.73 -2.84
CA SER E 309 -25.58 0.32 -3.17
C SER E 309 -26.49 -0.08 -4.34
N VAL E 310 -27.66 0.57 -4.44
CA VAL E 310 -28.55 0.43 -5.58
C VAL E 310 -27.80 0.89 -6.84
N VAL E 311 -27.13 2.04 -6.74
CA VAL E 311 -26.35 2.57 -7.85
C VAL E 311 -24.94 1.94 -7.80
C09 9UJ F . -33.18 21.59 25.52
C10 9UJ F . -31.44 21.36 27.30
C11 9UJ F . -32.00 20.89 24.85
C12 9UJ F . -31.34 20.00 27.94
C13 9UJ F . -33.72 22.19 27.85
C14 9UJ F . -34.45 20.77 25.32
C15 9UJ F . -33.29 22.89 29.11
C16 9UJ F . -30.12 19.39 28.17
C17 9UJ F . -32.47 19.29 28.33
C18 9UJ F . -33.87 22.55 30.32
C19 9UJ F . -32.47 24.02 29.08
C20 9UJ F . -32.64 24.29 31.48
C21 9UJ F . -30.01 18.13 28.75
C22 9UJ F . -32.38 18.04 28.91
C23 9UJ F . -33.52 23.20 31.49
C24 9UJ F . -32.13 24.68 30.25
C25 9UJ F . -32.30 25.00 32.73
C26 9UJ F . -31.15 17.47 29.12
C27 9UJ F . -32.89 24.85 33.96
C28 9UJ F . -31.25 25.95 32.94
C29 9UJ F . -34.02 24.05 34.49
C30 9UJ F . -30.25 26.52 31.99
N07 9UJ F . -32.81 21.79 26.93
N08 9UJ F . -31.24 26.35 34.17
O03 9UJ F . -35.35 21.29 24.63
O04 9UJ F . -34.92 21.92 27.71
O05 9UJ F . -34.51 19.64 25.85
O06 9UJ F . -32.28 25.66 34.83
S02 9UJ F . -30.54 21.49 25.72
CL01 9UJ F . -28.63 20.18 27.74
C1 A1LYC G . -40.93 13.95 2.59
O1 A1LYC G . -39.76 9.74 2.17
C2 A1LYC G . -40.33 12.63 2.12
C3 A1LYC G . -39.42 12.86 0.91
N1 A1LYC G . -37.85 10.19 3.33
N2 A1LYC G . -35.97 8.82 3.62
C4 A1LYC G . -39.58 11.89 3.25
C5 A1LYC G . -40.38 11.71 4.53
C6 A1LYC G . -39.86 12.12 5.76
C7 A1LYC G . -40.58 11.96 6.93
C8 A1LYC G . -41.82 11.37 6.88
C9 A1LYC G . -42.36 10.96 5.69
C10 A1LYC G . -41.64 11.12 4.52
CL1 A1LYC G . -42.72 11.17 8.36
C11 A1LYC G . -39.07 10.50 2.85
C12 A1LYC G . -37.14 9.06 3.07
C13 A1LYC G . -35.37 7.62 3.25
C14 A1LYC G . -36.08 6.90 2.37
S1 A1LYC G . -37.67 7.72 1.91
#